data_6FRL
#
_entry.id   6FRL
#
_cell.length_a   180.620
_cell.length_b   88.350
_cell.length_c   70.110
_cell.angle_alpha   90.00
_cell.angle_beta   99.07
_cell.angle_gamma   90.00
#
_symmetry.space_group_name_H-M   'C 1 2 1'
#
loop_
_entity.id
_entity.type
_entity.pdbx_description
1 polymer 'Tryptophan halogenase superfamily'
2 non-polymer 'L(+)-TARTARIC ACID'
3 non-polymer '2-(N-MORPHOLINO)-ETHANESULFONIC ACID'
4 non-polymer GLYCEROL
5 water water
#
_entity_poly.entity_id   1
_entity_poly.type   'polypeptide(L)'
_entity_poly.pdbx_seq_one_letter_code
;GAMDEIDDPRIRSVVIVGGGTAGWMTAAALVQHFRTAPLKITVVESSDIGTIGVGEATIPTIRRFYGQLGLRDDDVMRAT
QATCKLGIRFLDWSGPGSDFIHPFGLYGQDVKGIGFHHYWLKQRRAGDAAPLAAYSLGAALAAGGKFTLPSPHPPSQLSV
FDWALHLDAGLFAQHLRAYAEAGGCARIDARIRSVELRPEDGFVRALTLDDGREVEGDLFVDCSGFKGLVIGEALGVGFE
DWGRWLPCDAAYAVQSENRPGDAPAPFTRVTARSAGWQWGIPLRHRAGNGLVFSSAHLSDDQALAELMPHLLGDPLTEPR
RIPFRPGRRSQAWAKNCVAIGLSSGFLEPLESTSIALIETGIERLKALFPDRRFAQPILDEFNDQTAREMERVRDFIILH
YKLNRRTDTDFWRDCREMPVPETLERKIALWTARGQFVRYRWEMFHPASWLAIYDGFGLYPDHHDPAVDAMDPAYLARSL
AEMRANIADLVARTPEHAQFLAGLDPAASAA
;
_entity_poly.pdbx_strand_id   A,B
#
loop_
_chem_comp.id
_chem_comp.type
_chem_comp.name
_chem_comp.formula
GOL non-polymer GLYCEROL 'C3 H8 O3'
MES non-polymer '2-(N-MORPHOLINO)-ETHANESULFONIC ACID' 'C6 H13 N O4 S'
TLA non-polymer 'L(+)-TARTARIC ACID' 'C4 H6 O6'
#
# COMPACT_ATOMS: atom_id res chain seq x y z
N ASP A 8 -19.56 6.68 31.10
CA ASP A 8 -18.47 6.10 30.28
C ASP A 8 -18.84 6.33 28.86
N PRO A 9 -17.91 6.83 28.01
CA PRO A 9 -18.38 7.18 26.64
C PRO A 9 -18.69 5.97 25.73
N ARG A 10 -18.19 4.78 26.07
CA ARG A 10 -18.60 3.49 25.49
C ARG A 10 -19.96 3.41 24.75
N ILE A 11 -19.95 2.98 23.48
CA ILE A 11 -21.19 2.57 22.78
C ILE A 11 -21.83 1.37 23.52
N ARG A 12 -23.11 1.49 23.88
CA ARG A 12 -23.85 0.45 24.61
C ARG A 12 -24.76 -0.41 23.72
N SER A 13 -25.06 0.09 22.52
CA SER A 13 -26.04 -0.54 21.71
C SER A 13 -25.85 -0.20 20.22
N VAL A 14 -26.20 -1.16 19.36
CA VAL A 14 -26.10 -0.98 17.91
C VAL A 14 -27.38 -1.47 17.28
N VAL A 15 -27.96 -0.63 16.43
CA VAL A 15 -29.21 -0.96 15.78
C VAL A 15 -28.98 -0.99 14.28
N ILE A 16 -29.24 -2.13 13.67
CA ILE A 16 -28.97 -2.35 12.27
C ILE A 16 -30.33 -2.28 11.61
N VAL A 17 -30.48 -1.34 10.68
CA VAL A 17 -31.75 -1.08 10.04
C VAL A 17 -31.80 -1.76 8.69
N GLY A 18 -32.44 -2.94 8.66
CA GLY A 18 -32.59 -3.74 7.42
C GLY A 18 -31.78 -5.05 7.58
N GLY A 19 -32.32 -6.12 7.01
CA GLY A 19 -31.61 -7.42 6.98
C GLY A 19 -30.97 -7.60 5.61
N GLY A 20 -31.29 -8.70 4.94
CA GLY A 20 -30.57 -9.12 3.73
C GLY A 20 -29.11 -9.45 4.02
N THR A 21 -28.29 -9.32 2.99
CA THR A 21 -26.90 -9.61 3.08
C THR A 21 -26.20 -8.54 3.90
N ALA A 22 -26.52 -7.29 3.64
CA ALA A 22 -25.78 -6.21 4.29
C ALA A 22 -26.05 -6.26 5.79
N GLY A 23 -27.32 -6.42 6.17
CA GLY A 23 -27.71 -6.41 7.57
C GLY A 23 -27.19 -7.57 8.39
N TRP A 24 -27.31 -8.76 7.83
CA TRP A 24 -26.91 -9.93 8.55
C TRP A 24 -25.42 -10.20 8.46
N MET A 25 -24.71 -9.79 7.41
CA MET A 25 -23.21 -9.79 7.44
C MET A 25 -22.71 -8.87 8.54
N THR A 26 -23.26 -7.65 8.61
CA THR A 26 -22.89 -6.70 9.68
C THR A 26 -23.14 -7.29 11.11
N ALA A 27 -24.34 -7.82 11.34
CA ALA A 27 -24.70 -8.43 12.63
C ALA A 27 -23.75 -9.56 13.00
N ALA A 28 -23.50 -10.47 12.07
CA ALA A 28 -22.63 -11.62 12.37
C ALA A 28 -21.18 -11.18 12.70
N ALA A 29 -20.67 -10.24 11.91
CA ALA A 29 -19.30 -9.70 12.09
C ALA A 29 -19.17 -8.98 13.41
N LEU A 30 -20.13 -8.13 13.76
CA LEU A 30 -20.10 -7.41 15.06
C LEU A 30 -20.34 -8.34 16.27
N VAL A 31 -21.20 -9.35 16.09
CA VAL A 31 -21.38 -10.38 17.13
C VAL A 31 -20.03 -11.05 17.47
N GLN A 32 -19.31 -11.52 16.48
CA GLN A 32 -18.00 -12.17 16.72
C GLN A 32 -16.97 -11.24 17.31
N HIS A 33 -16.89 -10.03 16.78
CA HIS A 33 -15.87 -9.06 17.19
C HIS A 33 -16.06 -8.59 18.62
N PHE A 34 -17.31 -8.43 19.06
CA PHE A 34 -17.66 -7.97 20.38
C PHE A 34 -18.37 -9.10 21.18
N ARG A 35 -17.97 -10.37 20.99
CA ARG A 35 -18.73 -11.56 21.50
C ARG A 35 -19.01 -11.53 23.01
N THR A 36 -17.97 -11.30 23.82
CA THR A 36 -18.08 -11.28 25.29
C THR A 36 -18.09 -9.86 25.92
N ALA A 37 -18.39 -8.82 25.12
CA ALA A 37 -18.44 -7.45 25.60
C ALA A 37 -19.89 -7.05 25.82
N PRO A 38 -20.14 -6.03 26.66
CA PRO A 38 -21.53 -5.69 26.97
C PRO A 38 -22.00 -4.77 25.87
N LEU A 39 -22.42 -5.34 24.76
CA LEU A 39 -22.87 -4.57 23.62
C LEU A 39 -24.13 -5.19 23.12
N LYS A 40 -25.24 -4.43 23.15
CA LYS A 40 -26.47 -4.93 22.57
C LYS A 40 -26.42 -4.71 21.06
N ILE A 41 -26.81 -5.73 20.31
CA ILE A 41 -26.92 -5.62 18.88
C ILE A 41 -28.31 -6.12 18.52
N THR A 42 -29.00 -5.34 17.69
CA THR A 42 -30.34 -5.65 17.25
C THR A 42 -30.48 -5.31 15.75
N VAL A 43 -31.16 -6.18 15.01
CA VAL A 43 -31.54 -5.96 13.61
C VAL A 43 -33.06 -5.71 13.57
N VAL A 44 -33.49 -4.78 12.71
CA VAL A 44 -34.88 -4.49 12.49
C VAL A 44 -35.21 -4.65 11.00
N GLU A 45 -36.03 -5.63 10.66
CA GLU A 45 -36.39 -5.94 9.25
C GLU A 45 -37.84 -6.44 9.21
N SER A 46 -38.46 -6.50 8.02
CA SER A 46 -39.81 -7.12 7.86
C SER A 46 -39.81 -8.39 6.99
N SER A 47 -40.68 -9.35 7.34
CA SER A 47 -41.05 -10.42 6.39
C SER A 47 -42.07 -9.91 5.35
N VAL A 54 -31.86 -15.57 -5.01
CA VAL A 54 -31.21 -14.98 -6.18
C VAL A 54 -29.66 -15.10 -6.20
N GLY A 55 -29.16 -15.58 -7.35
CA GLY A 55 -27.75 -15.98 -7.48
C GLY A 55 -26.80 -14.81 -7.61
N GLU A 56 -25.66 -14.88 -6.92
CA GLU A 56 -24.72 -13.78 -6.86
C GLU A 56 -23.29 -14.29 -6.84
N ALA A 57 -22.38 -13.50 -7.43
CA ALA A 57 -20.96 -13.83 -7.40
C ALA A 57 -20.21 -13.03 -6.34
N THR A 58 -18.98 -13.45 -6.07
CA THR A 58 -18.11 -12.83 -5.06
C THR A 58 -16.65 -12.83 -5.51
N ILE A 59 -15.80 -12.16 -4.70
CA ILE A 59 -14.35 -12.27 -4.82
C ILE A 59 -13.80 -13.06 -3.61
N PRO A 60 -12.51 -13.45 -3.65
CA PRO A 60 -12.04 -14.36 -2.58
C PRO A 60 -12.04 -13.83 -1.13
N THR A 61 -12.09 -12.51 -0.97
CA THR A 61 -12.22 -11.93 0.34
C THR A 61 -13.38 -12.60 1.13
N ILE A 62 -14.49 -12.97 0.48
CA ILE A 62 -15.66 -13.54 1.19
C ILE A 62 -15.32 -14.82 1.98
N ARG A 63 -14.37 -15.62 1.48
CA ARG A 63 -13.94 -16.85 2.20
C ARG A 63 -13.20 -16.50 3.47
N ARG A 64 -12.46 -15.38 3.48
CA ARG A 64 -11.83 -14.88 4.70
C ARG A 64 -12.88 -14.30 5.64
N PHE A 65 -13.94 -13.69 5.11
CA PHE A 65 -14.96 -13.05 5.92
C PHE A 65 -15.61 -14.09 6.83
N TYR A 66 -16.13 -15.14 6.23
CA TYR A 66 -16.76 -16.23 7.00
C TYR A 66 -15.73 -17.11 7.72
N GLY A 67 -14.51 -17.14 7.19
CA GLY A 67 -13.33 -17.68 7.89
C GLY A 67 -13.15 -17.10 9.27
N GLN A 68 -13.21 -15.76 9.37
CA GLN A 68 -13.04 -15.08 10.65
C GLN A 68 -14.17 -15.32 11.61
N LEU A 69 -15.34 -15.70 11.12
CA LEU A 69 -16.46 -16.09 11.98
C LEU A 69 -16.36 -17.52 12.62
N GLY A 70 -15.38 -18.33 12.21
CA GLY A 70 -15.30 -19.75 12.60
C GLY A 70 -16.02 -20.74 11.67
N LEU A 71 -16.44 -20.30 10.47
CA LEU A 71 -17.18 -21.14 9.51
C LEU A 71 -16.25 -21.75 8.45
N ARG A 72 -16.63 -22.93 7.95
CA ARG A 72 -15.87 -23.66 6.93
C ARG A 72 -16.45 -23.45 5.56
N ASP A 73 -15.58 -23.54 4.53
CA ASP A 73 -15.99 -23.45 3.10
C ASP A 73 -17.03 -24.48 2.78
N ASP A 74 -16.82 -25.74 3.17
CA ASP A 74 -17.79 -26.78 2.81
C ASP A 74 -19.19 -26.56 3.42
N ASP A 75 -19.25 -26.23 4.71
CA ASP A 75 -20.52 -25.99 5.37
C ASP A 75 -21.24 -24.78 4.73
N VAL A 76 -20.53 -23.68 4.47
CA VAL A 76 -21.18 -22.47 3.87
C VAL A 76 -21.67 -22.79 2.45
N MET A 77 -20.87 -23.55 1.71
CA MET A 77 -21.22 -23.90 0.32
C MET A 77 -22.44 -24.79 0.27
N ARG A 78 -22.45 -25.85 1.09
CA ARG A 78 -23.64 -26.72 1.24
C ARG A 78 -24.90 -25.89 1.51
N ALA A 79 -24.79 -24.95 2.44
CA ALA A 79 -25.98 -24.23 2.91
C ALA A 79 -26.47 -23.18 1.90
N THR A 80 -25.61 -22.76 0.96
CA THR A 80 -25.94 -21.69 0.04
C THR A 80 -26.09 -22.11 -1.43
N GLN A 81 -26.20 -23.41 -1.68
CA GLN A 81 -26.31 -23.97 -3.05
C GLN A 81 -25.14 -23.52 -3.95
N ALA A 82 -24.00 -23.30 -3.32
CA ALA A 82 -22.87 -22.62 -3.96
C ALA A 82 -22.09 -23.52 -4.86
N THR A 83 -21.37 -22.89 -5.78
CA THR A 83 -20.34 -23.53 -6.59
C THR A 83 -19.06 -22.68 -6.54
N CYS A 84 -17.98 -23.27 -7.03
CA CYS A 84 -16.69 -22.61 -7.09
C CYS A 84 -16.64 -21.55 -8.18
N LYS A 85 -15.93 -20.45 -7.88
CA LYS A 85 -15.65 -19.39 -8.87
C LYS A 85 -14.15 -19.17 -8.96
N LEU A 86 -13.57 -19.58 -10.10
CA LEU A 86 -12.15 -19.30 -10.36
C LEU A 86 -11.84 -17.97 -11.06
N GLY A 87 -12.86 -17.27 -11.55
CA GLY A 87 -12.71 -15.96 -12.24
C GLY A 87 -13.94 -15.61 -13.08
N ILE A 88 -13.83 -14.62 -13.94
CA ILE A 88 -14.96 -14.23 -14.80
C ILE A 88 -14.57 -14.38 -16.26
N ARG A 89 -15.49 -14.87 -17.07
CA ARG A 89 -15.21 -15.10 -18.48
C ARG A 89 -15.90 -14.07 -19.36
N PHE A 90 -15.11 -13.24 -20.05
CA PHE A 90 -15.62 -12.15 -20.90
C PHE A 90 -15.71 -12.61 -22.36
N LEU A 91 -16.94 -12.65 -22.87
CA LEU A 91 -17.24 -13.14 -24.23
C LEU A 91 -17.78 -12.00 -25.08
N ASP A 92 -17.20 -11.87 -26.28
CA ASP A 92 -17.63 -10.96 -27.34
C ASP A 92 -17.43 -9.46 -27.06
N TRP A 93 -16.52 -9.08 -26.15
CA TRP A 93 -16.26 -7.64 -25.88
C TRP A 93 -15.33 -6.99 -26.94
N SER A 94 -14.59 -7.83 -27.65
CA SER A 94 -13.65 -7.39 -28.68
C SER A 94 -14.13 -7.68 -30.13
N GLY A 95 -15.36 -8.17 -30.28
CA GLY A 95 -15.87 -8.66 -31.56
C GLY A 95 -16.31 -10.11 -31.39
N PRO A 96 -17.27 -10.58 -32.22
CA PRO A 96 -17.68 -11.99 -32.30
C PRO A 96 -16.59 -13.04 -32.12
N GLY A 97 -16.78 -13.92 -31.15
CA GLY A 97 -15.83 -14.99 -30.83
C GLY A 97 -14.75 -14.62 -29.81
N SER A 98 -14.59 -13.34 -29.45
CA SER A 98 -13.58 -12.96 -28.46
C SER A 98 -13.85 -13.64 -27.11
N ASP A 99 -12.78 -13.95 -26.37
CA ASP A 99 -12.87 -14.86 -25.23
C ASP A 99 -11.60 -14.73 -24.34
N PHE A 100 -11.77 -14.17 -23.14
CA PHE A 100 -10.72 -14.21 -22.12
C PHE A 100 -11.29 -14.40 -20.70
N ILE A 101 -10.44 -14.87 -19.78
CA ILE A 101 -10.81 -15.07 -18.37
C ILE A 101 -9.96 -14.18 -17.43
N HIS A 102 -10.65 -13.41 -16.58
CA HIS A 102 -10.04 -12.68 -15.46
C HIS A 102 -10.04 -13.59 -14.24
N PRO A 103 -8.87 -14.13 -13.89
CA PRO A 103 -8.78 -15.04 -12.78
C PRO A 103 -8.42 -14.36 -11.46
N PHE A 104 -8.38 -15.14 -10.37
CA PHE A 104 -7.78 -14.70 -9.13
C PHE A 104 -6.38 -15.29 -9.03
N GLY A 105 -5.41 -14.55 -9.57
CA GLY A 105 -4.02 -14.95 -9.49
C GLY A 105 -3.09 -14.15 -10.36
N LEU A 106 -1.79 -14.41 -10.21
CA LEU A 106 -0.76 -13.79 -11.07
C LEU A 106 -0.52 -14.63 -12.34
N TYR A 107 0.20 -14.03 -13.29
CA TYR A 107 0.66 -14.65 -14.54
C TYR A 107 2.16 -14.96 -14.48
N GLY A 108 2.53 -16.21 -14.71
CA GLY A 108 3.93 -16.55 -14.80
C GLY A 108 4.65 -16.36 -13.50
N GLN A 109 5.96 -16.07 -13.61
CA GLN A 109 6.89 -15.89 -12.49
C GLN A 109 7.72 -14.63 -12.76
N ASP A 110 7.65 -13.67 -11.85
CA ASP A 110 8.52 -12.48 -11.85
C ASP A 110 9.98 -12.87 -11.69
N VAL A 111 10.86 -12.15 -12.36
CA VAL A 111 12.30 -12.44 -12.41
C VAL A 111 13.12 -11.17 -12.15
N LYS A 112 14.09 -11.26 -11.26
CA LYS A 112 14.99 -10.14 -10.96
C LYS A 112 14.25 -8.84 -10.59
N GLY A 113 13.09 -8.99 -9.94
CA GLY A 113 12.21 -7.85 -9.63
C GLY A 113 11.35 -7.30 -10.78
N ILE A 114 11.55 -7.84 -11.99
CA ILE A 114 10.85 -7.40 -13.18
C ILE A 114 9.63 -8.29 -13.34
N GLY A 115 8.53 -7.67 -13.74
CA GLY A 115 7.27 -8.36 -13.86
C GLY A 115 7.28 -9.30 -15.04
N PHE A 116 6.68 -10.47 -14.85
CA PHE A 116 6.61 -11.47 -15.90
C PHE A 116 6.14 -10.92 -17.26
N HIS A 117 5.09 -10.09 -17.27
CA HIS A 117 4.51 -9.61 -18.51
C HIS A 117 5.51 -8.94 -19.49
N HIS A 118 6.59 -8.35 -18.96
CA HIS A 118 7.68 -7.76 -19.79
C HIS A 118 8.43 -8.80 -20.59
N TYR A 119 8.81 -9.89 -19.96
CA TYR A 119 9.45 -11.00 -20.66
C TYR A 119 8.50 -11.59 -21.69
N TRP A 120 7.23 -11.77 -21.32
CA TRP A 120 6.20 -12.23 -22.27
C TRP A 120 6.07 -11.31 -23.47
N LEU A 121 6.09 -10.00 -23.24
CA LEU A 121 6.03 -9.07 -24.37
C LEU A 121 7.25 -9.12 -25.29
N LYS A 122 8.46 -9.20 -24.73
CA LYS A 122 9.68 -9.38 -25.53
C LYS A 122 9.53 -10.55 -26.47
N GLN A 123 9.14 -11.69 -25.91
CA GLN A 123 9.01 -12.93 -26.70
C GLN A 123 7.89 -12.80 -27.72
N ARG A 124 6.80 -12.16 -27.34
CA ARG A 124 5.71 -11.89 -28.26
C ARG A 124 6.19 -11.04 -29.43
N ARG A 125 7.11 -10.12 -29.17
CA ARG A 125 7.67 -9.24 -30.19
C ARG A 125 8.46 -10.07 -31.21
N ALA A 126 9.22 -11.05 -30.70
CA ALA A 126 10.03 -11.93 -31.55
C ALA A 126 9.30 -13.10 -32.22
N GLY A 127 7.97 -13.14 -32.20
CA GLY A 127 7.22 -14.12 -33.01
C GLY A 127 6.36 -15.16 -32.29
N ASP A 128 6.74 -15.56 -31.08
CA ASP A 128 5.88 -16.43 -30.21
C ASP A 128 4.41 -15.95 -30.06
N ALA A 129 3.44 -16.83 -30.29
CA ALA A 129 2.00 -16.49 -30.26
C ALA A 129 1.18 -17.06 -29.05
N ALA A 130 1.87 -17.57 -28.03
CA ALA A 130 1.22 -18.14 -26.83
C ALA A 130 0.48 -17.08 -26.00
N PRO A 131 -0.82 -17.28 -25.74
CA PRO A 131 -1.57 -16.28 -24.98
C PRO A 131 -0.98 -16.03 -23.62
N LEU A 132 -1.13 -14.82 -23.09
CA LEU A 132 -0.68 -14.55 -21.71
C LEU A 132 -1.35 -15.54 -20.69
N ALA A 133 -2.62 -15.89 -20.94
CA ALA A 133 -3.38 -16.86 -20.13
C ALA A 133 -2.81 -18.30 -20.02
N ALA A 134 -1.99 -18.71 -20.98
CA ALA A 134 -1.28 -19.99 -20.83
C ALA A 134 -0.35 -20.01 -19.64
N TYR A 135 -0.06 -18.84 -19.04
CA TYR A 135 0.81 -18.78 -17.87
C TYR A 135 0.11 -18.51 -16.56
N SER A 136 -1.22 -18.63 -16.54
CA SER A 136 -2.04 -18.55 -15.30
C SER A 136 -2.76 -19.86 -15.05
N LEU A 137 -2.42 -20.50 -13.94
CA LEU A 137 -3.04 -21.79 -13.59
C LEU A 137 -4.52 -21.58 -13.32
N GLY A 138 -4.86 -20.49 -12.65
CA GLY A 138 -6.25 -20.18 -12.34
C GLY A 138 -7.11 -20.17 -13.60
N ALA A 139 -6.63 -19.39 -14.60
CA ALA A 139 -7.36 -19.21 -15.85
C ALA A 139 -7.46 -20.51 -16.63
N ALA A 140 -6.35 -21.24 -16.71
CA ALA A 140 -6.32 -22.57 -17.37
C ALA A 140 -7.30 -23.55 -16.71
N LEU A 141 -7.32 -23.60 -15.37
CA LEU A 141 -8.29 -24.41 -14.63
C LEU A 141 -9.72 -23.98 -14.93
N ALA A 142 -10.01 -22.69 -14.93
CA ALA A 142 -11.39 -22.24 -15.28
C ALA A 142 -11.80 -22.66 -16.71
N ALA A 143 -10.93 -22.43 -17.69
CA ALA A 143 -11.18 -22.84 -19.09
C ALA A 143 -11.32 -24.36 -19.24
N GLY A 144 -10.61 -25.14 -18.42
CA GLY A 144 -10.71 -26.60 -18.46
C GLY A 144 -11.88 -27.25 -17.74
N GLY A 145 -12.81 -26.44 -17.22
CA GLY A 145 -13.88 -26.94 -16.33
C GLY A 145 -13.37 -27.71 -15.12
N LYS A 146 -12.15 -27.42 -14.66
CA LYS A 146 -11.54 -28.10 -13.49
C LYS A 146 -11.63 -27.27 -12.21
N PHE A 147 -11.44 -27.96 -11.09
CA PHE A 147 -11.28 -27.34 -9.78
C PHE A 147 -10.47 -28.21 -8.77
N THR A 148 -9.58 -27.55 -8.03
CA THR A 148 -8.90 -28.12 -6.88
C THR A 148 -8.53 -27.00 -5.90
N LEU A 149 -8.48 -27.35 -4.61
CA LEU A 149 -8.00 -26.40 -3.62
C LEU A 149 -6.55 -26.01 -3.96
N PRO A 150 -6.20 -24.70 -3.93
CA PRO A 150 -4.77 -24.34 -4.02
C PRO A 150 -3.94 -24.89 -2.87
N SER A 151 -2.68 -25.20 -3.11
CA SER A 151 -1.80 -25.68 -2.03
C SER A 151 -1.49 -24.49 -1.17
N PRO A 152 -1.46 -24.66 0.17
CA PRO A 152 -0.77 -23.66 1.00
C PRO A 152 0.68 -24.13 1.04
N HIS A 153 1.58 -23.23 1.41
CA HIS A 153 3.04 -23.44 1.21
C HIS A 153 3.19 -24.10 -0.19
N PRO A 154 2.90 -23.34 -1.27
CA PRO A 154 2.87 -23.92 -2.61
C PRO A 154 4.28 -24.13 -3.21
N PRO A 155 4.50 -25.26 -3.93
CA PRO A 155 5.81 -25.52 -4.56
C PRO A 155 6.56 -24.27 -5.06
N SER A 156 5.88 -23.43 -5.86
CA SER A 156 6.43 -22.15 -6.36
C SER A 156 5.32 -21.15 -6.68
N GLN A 157 5.70 -19.94 -7.06
CA GLN A 157 4.73 -18.89 -7.52
C GLN A 157 3.75 -19.32 -8.66
N LEU A 158 4.16 -20.23 -9.55
CA LEU A 158 3.30 -20.67 -10.67
C LEU A 158 2.06 -21.46 -10.23
N SER A 159 2.08 -22.03 -9.03
CA SER A 159 0.94 -22.81 -8.55
C SER A 159 0.02 -22.04 -7.59
N VAL A 160 0.22 -20.73 -7.47
CA VAL A 160 -0.62 -19.89 -6.62
C VAL A 160 -1.83 -19.36 -7.40
N PHE A 161 -3.02 -19.71 -6.94
CA PHE A 161 -4.29 -19.10 -7.39
C PHE A 161 -5.23 -19.06 -6.19
N ASP A 162 -6.29 -18.24 -6.28
CA ASP A 162 -7.34 -18.22 -5.25
C ASP A 162 -8.71 -18.46 -5.91
N TRP A 163 -9.75 -18.54 -5.09
CA TRP A 163 -11.09 -18.88 -5.57
C TRP A 163 -12.15 -18.31 -4.67
N ALA A 164 -13.37 -18.19 -5.20
CA ALA A 164 -14.49 -17.57 -4.48
C ALA A 164 -15.75 -18.39 -4.73
N LEU A 165 -16.92 -17.81 -4.37
CA LEU A 165 -18.20 -18.51 -4.51
C LEU A 165 -19.19 -17.84 -5.51
N HIS A 166 -19.94 -18.70 -6.19
CA HIS A 166 -21.24 -18.33 -6.72
C HIS A 166 -22.22 -18.85 -5.66
N LEU A 167 -23.12 -18.03 -5.17
CA LEU A 167 -24.03 -18.50 -4.13
C LEU A 167 -25.41 -17.84 -4.13
N ASP A 168 -26.32 -18.49 -3.41
CA ASP A 168 -27.64 -17.88 -3.16
C ASP A 168 -27.50 -16.88 -2.02
N ALA A 169 -27.70 -15.60 -2.32
CA ALA A 169 -27.53 -14.53 -1.36
C ALA A 169 -28.51 -14.61 -0.21
N GLY A 170 -29.76 -14.97 -0.55
CA GLY A 170 -30.84 -15.19 0.42
C GLY A 170 -30.46 -16.27 1.42
N LEU A 171 -29.98 -17.42 0.93
CA LEU A 171 -29.54 -18.48 1.83
C LEU A 171 -28.35 -18.05 2.68
N PHE A 172 -27.39 -17.33 2.06
CA PHE A 172 -26.23 -16.77 2.78
C PHE A 172 -26.72 -15.86 3.90
N ALA A 173 -27.68 -14.98 3.59
CA ALA A 173 -28.26 -14.13 4.65
C ALA A 173 -28.88 -14.94 5.80
N GLN A 174 -29.64 -15.98 5.47
CA GLN A 174 -30.23 -16.85 6.49
C GLN A 174 -29.17 -17.56 7.37
N HIS A 175 -28.11 -18.08 6.76
CA HIS A 175 -27.03 -18.71 7.52
C HIS A 175 -26.36 -17.73 8.54
N LEU A 176 -26.10 -16.52 8.12
CA LEU A 176 -25.49 -15.52 9.00
C LEU A 176 -26.44 -15.04 10.11
N ARG A 177 -27.72 -14.93 9.79
CA ARG A 177 -28.77 -14.66 10.79
C ARG A 177 -28.78 -15.66 11.96
N ALA A 178 -28.77 -16.94 11.62
CA ALA A 178 -28.72 -17.98 12.63
C ALA A 178 -27.42 -17.87 13.44
N TYR A 179 -26.30 -17.57 12.77
CA TYR A 179 -25.02 -17.32 13.47
C TYR A 179 -25.09 -16.13 14.43
N ALA A 180 -25.69 -15.04 13.98
CA ALA A 180 -25.72 -13.83 14.79
C ALA A 180 -26.61 -13.98 16.04
N GLU A 181 -27.78 -14.60 15.85
CA GLU A 181 -28.76 -14.85 16.91
C GLU A 181 -28.22 -15.76 17.99
N ALA A 182 -27.42 -16.76 17.63
CA ALA A 182 -26.81 -17.64 18.63
C ALA A 182 -25.80 -16.93 19.50
N GLY A 183 -25.24 -15.83 19.03
CA GLY A 183 -24.30 -15.00 19.82
C GLY A 183 -24.96 -13.83 20.57
N GLY A 184 -26.28 -13.72 20.47
CA GLY A 184 -27.07 -12.79 21.27
C GLY A 184 -27.56 -11.54 20.56
N CYS A 185 -27.68 -11.60 19.24
CA CYS A 185 -28.20 -10.50 18.48
C CYS A 185 -29.72 -10.63 18.55
N ALA A 186 -30.40 -9.57 18.99
CA ALA A 186 -31.88 -9.45 18.95
C ALA A 186 -32.40 -9.24 17.54
N ARG A 187 -33.62 -9.70 17.27
CA ARG A 187 -34.30 -9.46 16.00
C ARG A 187 -35.73 -8.95 16.27
N ILE A 188 -36.15 -7.95 15.50
CA ILE A 188 -37.45 -7.36 15.61
C ILE A 188 -38.08 -7.35 14.22
N ASP A 189 -39.16 -8.12 14.06
CA ASP A 189 -39.90 -8.19 12.82
C ASP A 189 -40.96 -7.08 12.87
N ALA A 190 -40.82 -6.07 12.01
CA ALA A 190 -41.63 -4.86 12.12
C ALA A 190 -41.30 -3.87 10.99
N ARG A 191 -42.33 -3.23 10.44
CA ARG A 191 -42.17 -2.02 9.61
C ARG A 191 -41.84 -0.81 10.47
N ILE A 192 -41.07 0.12 9.92
CA ILE A 192 -40.65 1.32 10.63
C ILE A 192 -41.54 2.44 10.12
N ARG A 193 -42.21 3.15 11.02
N ARG A 193 -42.21 3.15 11.02
CA ARG A 193 -43.08 4.29 10.66
CA ARG A 193 -43.10 4.29 10.66
C ARG A 193 -42.27 5.56 10.43
C ARG A 193 -42.28 5.56 10.44
N SER A 194 -41.30 5.79 11.31
CA SER A 194 -40.48 7.01 11.31
C SER A 194 -39.15 6.86 12.02
N VAL A 195 -38.23 7.77 11.67
CA VAL A 195 -36.97 7.97 12.38
C VAL A 195 -37.04 9.27 13.16
N GLU A 196 -36.71 9.19 14.45
CA GLU A 196 -36.74 10.33 15.36
C GLU A 196 -35.31 10.81 15.65
N LEU A 197 -35.12 12.12 15.51
CA LEU A 197 -33.83 12.75 15.68
C LEU A 197 -33.82 13.54 16.98
N ARG A 198 -32.65 13.65 17.59
CA ARG A 198 -32.44 14.55 18.73
C ARG A 198 -32.43 16.01 18.29
N PRO A 199 -33.24 16.89 18.91
CA PRO A 199 -33.28 18.28 18.38
C PRO A 199 -32.07 19.20 18.68
N GLU A 200 -31.28 18.92 19.73
CA GLU A 200 -30.03 19.65 19.96
C GLU A 200 -28.96 19.32 18.91
N ASP A 201 -28.72 18.01 18.72
CA ASP A 201 -27.61 17.47 17.90
C ASP A 201 -27.97 17.17 16.46
N GLY A 202 -29.23 16.86 16.22
CA GLY A 202 -29.65 16.15 15.03
C GLY A 202 -29.28 14.67 14.94
N PHE A 203 -28.71 14.08 16.00
CA PHE A 203 -28.29 12.67 15.95
C PHE A 203 -29.56 11.80 15.93
N VAL A 204 -29.46 10.54 15.51
CA VAL A 204 -30.62 9.64 15.54
C VAL A 204 -30.86 9.19 16.99
N ARG A 205 -32.09 9.41 17.51
CA ARG A 205 -32.49 8.97 18.86
C ARG A 205 -33.06 7.53 18.81
N ALA A 206 -33.99 7.29 17.89
CA ALA A 206 -34.74 6.04 17.90
C ALA A 206 -35.55 5.83 16.66
N LEU A 207 -35.92 4.57 16.43
CA LEU A 207 -36.91 4.23 15.40
C LEU A 207 -38.28 4.10 16.04
N THR A 208 -39.30 4.57 15.34
CA THR A 208 -40.69 4.38 15.76
C THR A 208 -41.31 3.32 14.86
N LEU A 209 -41.75 2.22 15.45
CA LEU A 209 -42.36 1.11 14.68
C LEU A 209 -43.82 1.41 14.34
N ASP A 210 -44.41 0.63 13.42
CA ASP A 210 -45.86 0.67 13.10
C ASP A 210 -46.77 0.51 14.33
N ASP A 211 -46.43 -0.38 15.25
CA ASP A 211 -47.20 -0.49 16.52
C ASP A 211 -46.92 0.60 17.59
N GLY A 212 -45.97 1.50 17.32
CA GLY A 212 -45.67 2.63 18.23
C GLY A 212 -44.54 2.38 19.21
N ARG A 213 -44.00 1.16 19.23
CA ARG A 213 -42.79 0.88 20.00
C ARG A 213 -41.63 1.73 19.46
N GLU A 214 -40.74 2.09 20.37
CA GLU A 214 -39.54 2.80 20.03
C GLU A 214 -38.36 1.85 20.19
N VAL A 215 -37.41 1.93 19.26
CA VAL A 215 -36.13 1.21 19.36
C VAL A 215 -35.04 2.26 19.39
N GLU A 216 -34.42 2.37 20.56
CA GLU A 216 -33.37 3.32 20.80
C GLU A 216 -32.03 2.65 20.47
N GLY A 217 -31.05 3.48 20.14
CA GLY A 217 -29.67 3.06 20.00
C GLY A 217 -28.67 4.19 20.02
N ASP A 218 -27.45 3.88 20.44
CA ASP A 218 -26.34 4.83 20.36
C ASP A 218 -25.72 4.97 18.94
N LEU A 219 -25.63 3.83 18.23
CA LEU A 219 -25.06 3.72 16.86
C LEU A 219 -26.05 3.01 15.95
N PHE A 220 -26.38 3.63 14.83
CA PHE A 220 -27.24 3.05 13.81
C PHE A 220 -26.46 2.72 12.53
N VAL A 221 -26.68 1.52 11.99
CA VAL A 221 -26.16 1.13 10.66
C VAL A 221 -27.32 1.03 9.69
N ASP A 222 -27.26 1.78 8.61
CA ASP A 222 -28.32 1.79 7.60
C ASP A 222 -27.99 0.72 6.58
N CYS A 223 -28.74 -0.38 6.64
CA CYS A 223 -28.75 -1.42 5.60
C CYS A 223 -30.13 -1.49 4.96
N SER A 224 -30.82 -0.36 4.90
CA SER A 224 -32.18 -0.31 4.34
C SER A 224 -32.29 -0.48 2.81
N GLY A 225 -31.16 -0.42 2.09
CA GLY A 225 -31.11 -0.60 0.63
C GLY A 225 -31.00 0.73 -0.08
N PHE A 226 -31.30 0.73 -1.38
CA PHE A 226 -31.10 1.91 -2.23
C PHE A 226 -31.75 3.22 -1.75
N LYS A 227 -32.91 3.12 -1.15
CA LYS A 227 -33.65 4.30 -0.64
C LYS A 227 -32.92 5.09 0.46
N GLY A 228 -32.21 4.41 1.35
CA GLY A 228 -31.39 5.07 2.37
C GLY A 228 -32.21 5.78 3.42
N LEU A 229 -32.88 4.99 4.24
CA LEU A 229 -33.92 5.47 5.16
C LEU A 229 -33.39 6.36 6.24
N VAL A 230 -32.19 6.06 6.72
CA VAL A 230 -31.61 6.88 7.80
C VAL A 230 -30.56 7.84 7.24
N ILE A 231 -29.59 7.34 6.48
CA ILE A 231 -28.49 8.16 5.98
C ILE A 231 -29.06 9.23 5.02
N GLY A 232 -30.08 8.87 4.23
CA GLY A 232 -30.61 9.74 3.19
C GLY A 232 -31.83 10.53 3.56
N GLU A 233 -32.93 9.83 3.86
CA GLU A 233 -34.27 10.44 4.13
C GLU A 233 -34.27 11.16 5.46
N ALA A 234 -33.85 10.49 6.53
CA ALA A 234 -33.79 11.11 7.84
C ALA A 234 -32.71 12.22 7.98
N LEU A 235 -31.47 11.89 7.61
CA LEU A 235 -30.29 12.77 7.83
C LEU A 235 -29.89 13.67 6.65
N GLY A 236 -30.56 13.49 5.52
CA GLY A 236 -30.38 14.37 4.37
C GLY A 236 -29.09 14.26 3.59
N VAL A 237 -28.31 13.18 3.77
CA VAL A 237 -27.06 13.01 3.03
C VAL A 237 -27.34 12.77 1.53
N GLY A 238 -26.62 13.49 0.68
CA GLY A 238 -26.83 13.45 -0.78
C GLY A 238 -26.16 12.33 -1.55
N PHE A 239 -26.32 12.35 -2.87
CA PHE A 239 -25.88 11.29 -3.77
C PHE A 239 -25.04 11.84 -4.92
N GLU A 240 -23.80 11.31 -5.09
CA GLU A 240 -22.96 11.65 -6.24
C GLU A 240 -23.30 10.70 -7.37
N ASP A 241 -23.96 11.22 -8.39
CA ASP A 241 -24.44 10.44 -9.53
C ASP A 241 -23.30 10.23 -10.48
N TRP A 242 -23.17 9.01 -11.00
CA TRP A 242 -22.06 8.62 -11.90
C TRP A 242 -22.54 8.10 -13.27
N GLY A 243 -23.83 8.32 -13.61
CA GLY A 243 -24.40 7.97 -14.92
C GLY A 243 -23.66 8.59 -16.08
N ARG A 244 -23.07 9.76 -15.85
CA ARG A 244 -22.24 10.41 -16.86
C ARG A 244 -21.04 9.56 -17.28
N TRP A 245 -20.42 8.83 -16.35
CA TRP A 245 -19.29 7.95 -16.67
C TRP A 245 -19.70 6.57 -17.19
N LEU A 246 -20.86 6.06 -16.78
CA LEU A 246 -21.27 4.67 -17.08
C LEU A 246 -22.60 4.71 -17.81
N PRO A 247 -22.65 4.18 -19.06
CA PRO A 247 -23.88 4.34 -19.85
C PRO A 247 -25.12 3.61 -19.29
N CYS A 248 -24.94 2.35 -18.91
CA CYS A 248 -26.07 1.48 -18.58
C CYS A 248 -26.84 1.98 -17.36
N ASP A 249 -28.16 1.87 -17.46
CA ASP A 249 -29.09 2.47 -16.50
C ASP A 249 -30.30 1.57 -16.14
N ALA A 250 -30.25 0.29 -16.50
CA ALA A 250 -31.33 -0.65 -16.17
C ALA A 250 -30.83 -2.07 -16.23
N ALA A 251 -31.61 -2.98 -15.65
CA ALA A 251 -31.27 -4.40 -15.71
C ALA A 251 -32.49 -5.31 -15.56
N TYR A 252 -32.44 -6.47 -16.21
CA TYR A 252 -33.40 -7.55 -16.01
C TYR A 252 -32.68 -8.75 -15.38
N ALA A 253 -33.28 -9.38 -14.37
CA ALA A 253 -32.73 -10.59 -13.79
C ALA A 253 -33.79 -11.68 -13.74
N VAL A 254 -33.34 -12.94 -13.88
CA VAL A 254 -34.23 -14.08 -13.85
C VAL A 254 -33.44 -15.32 -13.51
N GLN A 255 -33.95 -16.09 -12.53
CA GLN A 255 -33.37 -17.37 -12.14
C GLN A 255 -33.80 -18.44 -13.19
N SER A 256 -32.86 -19.31 -13.50
CA SER A 256 -33.08 -20.42 -14.38
C SER A 256 -32.80 -21.76 -13.65
N GLU A 257 -33.47 -22.82 -14.11
CA GLU A 257 -33.36 -24.17 -13.55
C GLU A 257 -32.44 -24.95 -14.47
N ASN A 258 -31.43 -25.63 -13.91
CA ASN A 258 -30.47 -26.39 -14.74
C ASN A 258 -31.18 -27.50 -15.52
N ARG A 259 -30.78 -27.73 -16.79
CA ARG A 259 -31.36 -28.84 -17.58
C ARG A 259 -30.55 -30.10 -17.26
N PRO A 260 -31.16 -31.31 -17.39
CA PRO A 260 -30.42 -32.52 -16.98
C PRO A 260 -29.14 -32.74 -17.81
N GLY A 261 -28.06 -33.20 -17.17
CA GLY A 261 -26.72 -33.27 -17.76
C GLY A 261 -26.08 -31.93 -18.19
N ASP A 262 -26.27 -30.91 -17.35
CA ASP A 262 -25.63 -29.58 -17.52
C ASP A 262 -24.73 -29.33 -16.32
N ALA A 263 -23.43 -29.54 -16.52
CA ALA A 263 -22.44 -29.42 -15.44
C ALA A 263 -22.13 -27.93 -15.23
N PRO A 264 -22.44 -27.37 -14.04
CA PRO A 264 -22.12 -25.94 -13.85
C PRO A 264 -20.63 -25.69 -13.93
N ALA A 265 -20.27 -24.60 -14.61
CA ALA A 265 -18.87 -24.21 -14.84
C ALA A 265 -18.33 -23.45 -13.61
N PRO A 266 -17.02 -23.55 -13.33
CA PRO A 266 -16.38 -22.79 -12.24
C PRO A 266 -15.99 -21.35 -12.61
N PHE A 267 -16.88 -20.66 -13.29
CA PHE A 267 -16.70 -19.26 -13.62
C PHE A 267 -18.03 -18.59 -13.92
N THR A 268 -18.02 -17.28 -13.80
CA THR A 268 -19.15 -16.44 -14.17
C THR A 268 -19.00 -16.12 -15.67
N ARG A 269 -20.10 -16.20 -16.42
CA ARG A 269 -20.13 -15.76 -17.81
C ARG A 269 -20.57 -14.32 -17.92
N VAL A 270 -19.79 -13.49 -18.62
CA VAL A 270 -20.20 -12.11 -18.93
C VAL A 270 -20.13 -11.89 -20.43
N THR A 271 -21.30 -11.86 -21.07
CA THR A 271 -21.43 -11.86 -22.53
C THR A 271 -21.91 -10.48 -23.01
N ALA A 272 -21.07 -9.78 -23.79
CA ALA A 272 -21.49 -8.49 -24.36
C ALA A 272 -22.58 -8.70 -25.42
N ARG A 273 -23.60 -7.85 -25.37
CA ARG A 273 -24.70 -7.84 -26.35
C ARG A 273 -24.72 -6.46 -27.05
N SER A 274 -25.82 -6.13 -27.73
CA SER A 274 -25.90 -4.94 -28.58
C SER A 274 -25.78 -3.62 -27.85
N ALA A 275 -26.25 -3.55 -26.61
CA ALA A 275 -26.27 -2.27 -25.85
C ALA A 275 -26.14 -2.45 -24.35
N GLY A 276 -25.18 -3.30 -23.97
CA GLY A 276 -24.97 -3.71 -22.58
C GLY A 276 -24.43 -5.14 -22.54
N TRP A 277 -24.74 -5.86 -21.47
CA TRP A 277 -24.12 -7.18 -21.26
C TRP A 277 -24.97 -8.13 -20.38
N GLN A 278 -24.77 -9.42 -20.60
CA GLN A 278 -25.52 -10.47 -19.92
C GLN A 278 -24.61 -11.21 -18.91
N TRP A 279 -25.19 -11.53 -17.76
CA TRP A 279 -24.51 -12.29 -16.73
C TRP A 279 -25.08 -13.71 -16.60
N GLY A 280 -24.25 -14.62 -16.10
CA GLY A 280 -24.59 -16.00 -15.93
C GLY A 280 -23.85 -16.57 -14.74
N ILE A 281 -24.56 -16.73 -13.63
CA ILE A 281 -23.98 -17.09 -12.36
C ILE A 281 -24.47 -18.50 -11.98
N PRO A 282 -23.60 -19.51 -12.09
CA PRO A 282 -24.08 -20.87 -11.87
C PRO A 282 -24.12 -21.28 -10.40
N LEU A 283 -25.29 -21.71 -9.94
CA LEU A 283 -25.43 -22.44 -8.68
C LEU A 283 -25.47 -23.94 -8.97
N ARG A 284 -25.52 -24.76 -7.93
CA ARG A 284 -25.49 -26.23 -8.07
C ARG A 284 -26.59 -26.84 -8.93
N HIS A 285 -27.84 -26.40 -8.72
CA HIS A 285 -29.02 -26.86 -9.49
C HIS A 285 -29.78 -25.72 -10.19
N ARG A 286 -29.32 -24.48 -10.02
CA ARG A 286 -29.99 -23.31 -10.59
C ARG A 286 -28.94 -22.30 -11.06
N ALA A 287 -29.35 -21.25 -11.75
CA ALA A 287 -28.44 -20.18 -12.12
C ALA A 287 -29.08 -18.82 -12.10
N GLY A 288 -28.30 -17.80 -11.73
CA GLY A 288 -28.64 -16.41 -11.92
C GLY A 288 -28.38 -15.97 -13.35
N ASN A 289 -29.34 -15.26 -13.94
CA ASN A 289 -29.18 -14.68 -15.27
C ASN A 289 -29.60 -13.23 -15.24
N GLY A 290 -29.03 -12.43 -16.12
CA GLY A 290 -29.50 -11.06 -16.35
C GLY A 290 -28.90 -10.34 -17.53
N LEU A 291 -29.51 -9.21 -17.90
CA LEU A 291 -28.97 -8.30 -18.86
C LEU A 291 -28.91 -6.91 -18.21
N VAL A 292 -27.73 -6.30 -18.25
CA VAL A 292 -27.53 -4.88 -17.90
C VAL A 292 -27.47 -4.10 -19.21
N PHE A 293 -28.16 -2.97 -19.32
CA PHE A 293 -28.23 -2.28 -20.62
C PHE A 293 -28.62 -0.81 -20.52
N SER A 294 -28.46 -0.11 -21.65
CA SER A 294 -28.87 1.33 -21.79
C SER A 294 -30.28 1.46 -22.39
N SER A 295 -31.24 1.98 -21.62
CA SER A 295 -32.63 2.14 -22.13
C SER A 295 -32.70 3.11 -23.32
N ALA A 296 -31.79 4.09 -23.36
CA ALA A 296 -31.68 4.98 -24.50
C ALA A 296 -31.27 4.31 -25.84
N HIS A 297 -30.78 3.06 -25.79
CA HIS A 297 -30.50 2.26 -26.98
C HIS A 297 -31.39 1.03 -27.13
N LEU A 298 -32.10 0.66 -26.07
CA LEU A 298 -32.95 -0.53 -26.09
C LEU A 298 -34.29 -0.30 -25.39
N SER A 299 -35.33 -0.75 -26.08
CA SER A 299 -36.64 -0.92 -25.48
C SER A 299 -36.61 -2.12 -24.52
N ASP A 300 -37.66 -2.22 -23.71
CA ASP A 300 -37.83 -3.36 -22.84
C ASP A 300 -37.99 -4.68 -23.61
N ASP A 301 -38.76 -4.70 -24.68
CA ASP A 301 -38.95 -5.92 -25.50
C ASP A 301 -37.65 -6.33 -26.22
N GLN A 302 -36.87 -5.34 -26.68
CA GLN A 302 -35.56 -5.62 -27.31
C GLN A 302 -34.57 -6.27 -26.31
N ALA A 303 -34.60 -5.77 -25.08
CA ALA A 303 -33.81 -6.31 -23.97
C ALA A 303 -34.17 -7.75 -23.65
N LEU A 304 -35.45 -8.06 -23.60
CA LEU A 304 -35.89 -9.43 -23.33
C LEU A 304 -35.58 -10.37 -24.50
N ALA A 305 -35.58 -9.82 -25.72
CA ALA A 305 -35.20 -10.57 -26.94
C ALA A 305 -33.73 -10.99 -26.96
N GLU A 306 -32.87 -10.20 -26.31
CA GLU A 306 -31.46 -10.58 -26.14
C GLU A 306 -31.26 -11.61 -25.01
N LEU A 307 -31.96 -11.40 -23.89
CA LEU A 307 -31.76 -12.17 -22.66
C LEU A 307 -32.41 -13.55 -22.74
N MET A 308 -33.71 -13.58 -23.03
CA MET A 308 -34.53 -14.80 -22.87
C MET A 308 -34.19 -16.01 -23.74
N PRO A 309 -33.68 -15.80 -24.96
CA PRO A 309 -33.22 -16.95 -25.76
C PRO A 309 -31.86 -17.55 -25.38
N HIS A 310 -31.15 -16.96 -24.41
CA HIS A 310 -29.76 -17.34 -24.09
C HIS A 310 -29.51 -17.57 -22.61
N LEU A 311 -30.52 -17.98 -21.86
CA LEU A 311 -30.38 -18.29 -20.43
C LEU A 311 -29.62 -19.59 -20.22
N LEU A 312 -29.04 -19.77 -19.03
CA LEU A 312 -28.34 -21.00 -18.68
C LEU A 312 -29.29 -22.15 -18.30
N GLY A 313 -30.56 -22.06 -18.68
CA GLY A 313 -31.59 -23.06 -18.28
C GLY A 313 -33.04 -22.59 -18.46
N ASP A 314 -33.98 -23.36 -17.88
CA ASP A 314 -35.41 -23.07 -18.00
C ASP A 314 -35.77 -21.96 -17.02
N PRO A 315 -36.35 -20.85 -17.49
CA PRO A 315 -36.67 -19.77 -16.55
C PRO A 315 -37.64 -20.21 -15.46
N LEU A 316 -37.37 -19.87 -14.19
CA LEU A 316 -38.31 -20.14 -13.09
C LEU A 316 -39.49 -19.17 -13.01
N THR A 317 -39.32 -17.95 -13.51
CA THR A 317 -40.38 -16.92 -13.48
C THR A 317 -40.19 -16.01 -14.68
N GLU A 318 -40.95 -14.92 -14.71
CA GLU A 318 -40.69 -13.89 -15.70
C GLU A 318 -39.64 -12.93 -15.16
N PRO A 319 -38.95 -12.22 -16.06
CA PRO A 319 -37.93 -11.27 -15.62
C PRO A 319 -38.48 -10.06 -14.88
N ARG A 320 -37.78 -9.63 -13.85
CA ARG A 320 -38.07 -8.39 -13.12
C ARG A 320 -37.13 -7.32 -13.61
N ARG A 321 -37.63 -6.12 -13.82
CA ARG A 321 -36.77 -4.99 -14.12
C ARG A 321 -36.28 -4.41 -12.83
N ILE A 322 -35.05 -3.89 -12.86
CA ILE A 322 -34.40 -3.20 -11.72
C ILE A 322 -33.82 -1.88 -12.24
N PRO A 323 -34.18 -0.73 -11.62
CA PRO A 323 -33.41 0.50 -11.91
C PRO A 323 -31.99 0.50 -11.32
N PHE A 324 -31.06 0.98 -12.13
CA PHE A 324 -29.68 1.09 -11.79
C PHE A 324 -29.50 2.56 -11.66
N ARG A 325 -28.79 2.99 -10.64
CA ARG A 325 -28.34 4.37 -10.56
C ARG A 325 -26.91 4.40 -9.96
N PRO A 326 -25.90 4.30 -10.82
CA PRO A 326 -24.50 4.22 -10.41
C PRO A 326 -24.04 5.46 -9.66
N GLY A 327 -23.31 5.28 -8.58
CA GLY A 327 -22.84 6.41 -7.80
C GLY A 327 -22.65 6.07 -6.35
N ARG A 328 -22.30 7.06 -5.55
CA ARG A 328 -22.08 6.86 -4.13
C ARG A 328 -22.75 7.93 -3.28
N ARG A 329 -23.22 7.51 -2.12
CA ARG A 329 -23.66 8.38 -1.01
C ARG A 329 -22.54 9.39 -0.71
N SER A 330 -22.88 10.67 -0.54
CA SER A 330 -21.84 11.72 -0.44
C SER A 330 -20.91 11.58 0.76
N GLN A 331 -21.45 11.15 1.87
CA GLN A 331 -20.65 10.71 3.00
C GLN A 331 -21.35 9.43 3.49
N ALA A 332 -20.59 8.35 3.66
CA ALA A 332 -21.23 7.08 4.05
C ALA A 332 -21.58 7.06 5.53
N TRP A 333 -20.87 7.88 6.31
CA TRP A 333 -21.12 8.06 7.75
C TRP A 333 -21.45 9.56 8.05
N ALA A 334 -22.60 9.77 8.65
CA ALA A 334 -23.01 11.09 9.16
C ALA A 334 -23.54 10.94 10.57
N LYS A 335 -23.12 11.83 11.46
CA LYS A 335 -23.52 11.82 12.86
C LYS A 335 -23.29 10.44 13.50
N ASN A 336 -24.34 9.71 13.85
CA ASN A 336 -24.21 8.36 14.41
C ASN A 336 -24.89 7.30 13.53
N CYS A 337 -24.91 7.55 12.22
CA CYS A 337 -25.36 6.60 11.24
C CYS A 337 -24.23 6.26 10.27
N VAL A 338 -23.93 4.96 10.11
CA VAL A 338 -22.98 4.44 9.13
C VAL A 338 -23.79 3.69 8.12
N ALA A 339 -23.55 3.93 6.84
CA ALA A 339 -24.30 3.24 5.77
C ALA A 339 -23.48 2.10 5.21
N ILE A 340 -24.07 0.89 5.19
CA ILE A 340 -23.42 -0.33 4.66
C ILE A 340 -24.27 -0.99 3.56
N GLY A 341 -23.65 -1.39 2.45
CA GLY A 341 -24.38 -1.96 1.30
C GLY A 341 -24.98 -0.88 0.39
N LEU A 342 -26.12 -1.19 -0.24
CA LEU A 342 -26.76 -0.32 -1.27
C LEU A 342 -27.12 1.12 -0.83
N SER A 343 -27.40 1.28 0.46
CA SER A 343 -27.61 2.59 1.04
C SER A 343 -26.42 3.50 0.89
N SER A 344 -25.21 2.94 0.76
CA SER A 344 -23.96 3.75 0.59
C SER A 344 -23.55 3.96 -0.87
N GLY A 345 -24.21 3.27 -1.80
CA GLY A 345 -23.97 3.52 -3.24
C GLY A 345 -24.16 2.28 -4.09
N PHE A 346 -23.88 2.39 -5.38
CA PHE A 346 -24.16 1.31 -6.28
C PHE A 346 -23.24 1.31 -7.53
N LEU A 347 -22.68 0.16 -7.83
CA LEU A 347 -21.97 -0.08 -9.06
C LEU A 347 -22.50 -1.42 -9.57
N GLU A 348 -22.72 -1.50 -10.89
CA GLU A 348 -23.20 -2.71 -11.54
C GLU A 348 -22.27 -3.91 -11.27
N PRO A 349 -22.80 -5.16 -11.27
CA PRO A 349 -22.04 -6.38 -10.91
C PRO A 349 -21.09 -6.94 -11.96
N LEU A 350 -20.42 -6.07 -12.70
CA LEU A 350 -19.60 -6.48 -13.83
C LEU A 350 -18.38 -7.26 -13.33
N GLU A 351 -17.87 -6.84 -12.18
CA GLU A 351 -16.74 -7.49 -11.54
C GLU A 351 -17.09 -7.93 -10.08
N SER A 352 -18.36 -8.30 -9.88
CA SER A 352 -18.77 -9.03 -8.68
C SER A 352 -18.42 -8.32 -7.37
N THR A 353 -18.78 -7.05 -7.21
CA THR A 353 -18.21 -6.24 -6.10
C THR A 353 -19.17 -5.83 -5.01
N SER A 354 -20.45 -6.15 -5.13
CA SER A 354 -21.48 -5.73 -4.14
C SER A 354 -21.20 -6.23 -2.71
N ILE A 355 -21.07 -7.54 -2.59
CA ILE A 355 -20.78 -8.14 -1.35
C ILE A 355 -19.40 -7.67 -0.88
N ALA A 356 -18.42 -7.58 -1.78
CA ALA A 356 -17.09 -7.10 -1.44
C ALA A 356 -17.08 -5.71 -0.78
N LEU A 357 -17.94 -4.83 -1.24
CA LEU A 357 -18.07 -3.47 -0.69
C LEU A 357 -18.71 -3.44 0.72
N ILE A 358 -19.58 -4.41 1.00
CA ILE A 358 -20.11 -4.68 2.34
C ILE A 358 -18.98 -5.14 3.26
N GLU A 359 -18.19 -6.10 2.79
CA GLU A 359 -17.03 -6.60 3.57
C GLU A 359 -16.04 -5.49 3.97
N THR A 360 -15.67 -4.64 3.01
CA THR A 360 -14.72 -3.58 3.27
C THR A 360 -15.32 -2.56 4.21
N GLY A 361 -16.63 -2.31 4.07
CA GLY A 361 -17.35 -1.37 4.95
C GLY A 361 -17.33 -1.82 6.39
N ILE A 362 -17.59 -3.12 6.58
CA ILE A 362 -17.57 -3.74 7.90
C ILE A 362 -16.18 -3.73 8.52
N GLU A 363 -15.16 -4.10 7.74
CA GLU A 363 -13.78 -4.11 8.28
C GLU A 363 -13.42 -2.69 8.77
N ARG A 364 -13.78 -1.70 7.97
CA ARG A 364 -13.52 -0.31 8.27
C ARG A 364 -14.27 0.20 9.52
N LEU A 365 -15.52 -0.22 9.70
CA LEU A 365 -16.32 0.13 10.89
C LEU A 365 -15.66 -0.38 12.16
N LYS A 366 -15.24 -1.64 12.13
CA LYS A 366 -14.46 -2.21 13.24
C LYS A 366 -13.12 -1.47 13.48
N ALA A 367 -12.34 -1.23 12.42
CA ALA A 367 -11.04 -0.52 12.56
C ALA A 367 -11.18 0.93 13.14
N LEU A 368 -12.32 1.57 12.87
CA LEU A 368 -12.60 2.93 13.31
C LEU A 368 -13.79 2.98 14.27
N PHE A 369 -14.13 1.87 14.93
CA PHE A 369 -15.35 1.85 15.81
C PHE A 369 -15.34 3.00 16.79
N PRO A 370 -16.44 3.74 16.87
CA PRO A 370 -16.44 4.97 17.65
C PRO A 370 -16.86 4.77 19.10
N ASP A 371 -16.74 5.86 19.88
CA ASP A 371 -17.49 6.03 21.12
C ASP A 371 -18.62 7.10 20.91
N ARG A 372 -19.30 7.44 22.00
CA ARG A 372 -20.53 8.24 21.92
C ARG A 372 -20.29 9.70 21.67
N ARG A 373 -19.04 10.13 21.76
CA ARG A 373 -18.62 11.49 21.31
C ARG A 373 -18.50 11.61 19.80
N PHE A 374 -18.41 10.49 19.06
CA PHE A 374 -18.37 10.49 17.60
C PHE A 374 -17.36 11.51 17.04
N ALA A 375 -16.11 11.34 17.47
CA ALA A 375 -15.04 12.27 17.12
C ALA A 375 -14.90 12.47 15.61
N GLN A 376 -14.87 13.74 15.19
CA GLN A 376 -14.99 14.10 13.76
C GLN A 376 -13.89 13.48 12.90
N PRO A 377 -12.64 13.38 13.40
CA PRO A 377 -11.58 12.73 12.58
C PRO A 377 -11.86 11.27 12.17
N ILE A 378 -12.55 10.53 13.02
CA ILE A 378 -12.94 9.14 12.72
C ILE A 378 -13.94 9.14 11.57
N LEU A 379 -14.96 9.98 11.64
CA LEU A 379 -15.90 10.06 10.52
C LEU A 379 -15.16 10.46 9.22
N ASP A 380 -14.28 11.45 9.33
CA ASP A 380 -13.60 11.98 8.14
C ASP A 380 -12.75 10.92 7.46
N GLU A 381 -11.96 10.18 8.23
CA GLU A 381 -11.15 9.09 7.69
C GLU A 381 -12.04 7.99 7.06
N PHE A 382 -13.09 7.54 7.75
CA PHE A 382 -14.03 6.55 7.21
C PHE A 382 -14.62 7.05 5.92
N ASN A 383 -15.07 8.31 5.90
CA ASN A 383 -15.70 8.89 4.71
C ASN A 383 -14.74 9.00 3.55
N ASP A 384 -13.50 9.34 3.87
CA ASP A 384 -12.44 9.48 2.87
C ASP A 384 -12.02 8.11 2.27
N GLN A 385 -11.80 7.11 3.10
CA GLN A 385 -11.45 5.78 2.58
C GLN A 385 -12.57 5.27 1.66
N THR A 386 -13.81 5.32 2.17
CA THR A 386 -14.99 4.79 1.45
C THR A 386 -15.16 5.43 0.05
N ALA A 387 -15.05 6.76 0.01
CA ALA A 387 -15.12 7.52 -1.24
C ALA A 387 -14.06 7.10 -2.23
N ARG A 388 -12.79 7.08 -1.80
CA ARG A 388 -11.71 6.71 -2.72
C ARG A 388 -11.90 5.30 -3.22
N GLU A 389 -12.29 4.38 -2.34
CA GLU A 389 -12.46 2.95 -2.73
C GLU A 389 -13.58 2.79 -3.81
N MET A 390 -14.68 3.50 -3.63
CA MET A 390 -15.75 3.49 -4.62
C MET A 390 -15.24 3.98 -5.97
N GLU A 391 -14.45 5.05 -5.94
CA GLU A 391 -13.91 5.61 -7.17
C GLU A 391 -12.92 4.64 -7.85
N ARG A 392 -12.10 3.95 -7.03
CA ARG A 392 -11.17 2.96 -7.57
C ARG A 392 -11.90 1.75 -8.22
N VAL A 393 -13.07 1.37 -7.71
CA VAL A 393 -13.87 0.30 -8.36
C VAL A 393 -14.59 0.80 -9.61
N ARG A 394 -15.16 1.98 -9.52
CA ARG A 394 -15.73 2.67 -10.70
C ARG A 394 -14.77 2.67 -11.91
N ASP A 395 -13.54 3.15 -11.69
CA ASP A 395 -12.50 3.23 -12.73
C ASP A 395 -12.18 1.85 -13.33
N PHE A 396 -12.04 0.82 -12.52
CA PHE A 396 -11.85 -0.52 -13.06
C PHE A 396 -13.02 -0.94 -13.94
N ILE A 397 -14.26 -0.68 -13.49
CA ILE A 397 -15.46 -1.00 -14.31
C ILE A 397 -15.47 -0.20 -15.64
N ILE A 398 -15.24 1.09 -15.55
CA ILE A 398 -15.16 1.96 -16.75
C ILE A 398 -14.21 1.40 -17.83
N LEU A 399 -13.00 0.99 -17.40
CA LEU A 399 -11.97 0.47 -18.31
C LEU A 399 -12.52 -0.59 -19.27
N HIS A 400 -13.40 -1.48 -18.78
CA HIS A 400 -13.93 -2.57 -19.57
C HIS A 400 -14.69 -2.03 -20.82
N TYR A 401 -15.45 -0.97 -20.60
CA TYR A 401 -16.20 -0.34 -21.68
C TYR A 401 -15.28 0.47 -22.59
N LYS A 402 -14.40 1.26 -21.97
CA LYS A 402 -13.45 2.11 -22.68
C LYS A 402 -12.60 1.41 -23.71
N LEU A 403 -12.21 0.15 -23.46
CA LEU A 403 -11.30 -0.61 -24.33
C LEU A 403 -12.00 -1.63 -25.27
N ASN A 404 -13.32 -1.61 -25.32
CA ASN A 404 -14.02 -2.56 -26.18
C ASN A 404 -13.62 -2.33 -27.64
N ARG A 405 -13.68 -3.37 -28.46
CA ARG A 405 -13.37 -3.31 -29.89
C ARG A 405 -14.57 -3.71 -30.80
N ARG A 406 -15.79 -3.50 -30.32
CA ARG A 406 -16.99 -3.89 -31.07
C ARG A 406 -17.32 -2.77 -32.05
N THR A 407 -17.59 -3.14 -33.31
CA THR A 407 -17.93 -2.13 -34.35
C THR A 407 -19.46 -2.05 -34.63
N ASP A 408 -20.23 -3.02 -34.16
CA ASP A 408 -21.63 -3.23 -34.58
C ASP A 408 -22.74 -2.22 -34.15
N THR A 409 -22.55 -1.40 -33.12
CA THR A 409 -23.56 -0.39 -32.72
C THR A 409 -22.95 0.91 -32.19
N ASP A 410 -23.78 1.93 -32.09
CA ASP A 410 -23.36 3.25 -31.58
C ASP A 410 -23.02 3.23 -30.10
N PHE A 411 -23.74 2.40 -29.34
CA PHE A 411 -23.44 2.18 -27.92
C PHE A 411 -21.93 1.96 -27.69
N TRP A 412 -21.37 1.03 -28.46
CA TRP A 412 -20.00 0.61 -28.30
C TRP A 412 -18.95 1.61 -28.83
N ARG A 413 -19.19 2.27 -29.98
CA ARG A 413 -18.31 3.40 -30.42
C ARG A 413 -18.23 4.48 -29.34
N ASP A 414 -19.38 4.86 -28.81
CA ASP A 414 -19.44 5.90 -27.80
C ASP A 414 -18.64 5.54 -26.57
N CYS A 415 -18.79 4.29 -26.10
CA CYS A 415 -18.02 3.80 -24.96
C CYS A 415 -16.50 3.97 -25.19
N ARG A 416 -16.05 3.58 -26.39
CA ARG A 416 -14.65 3.74 -26.83
C ARG A 416 -14.13 5.21 -26.94
N GLU A 417 -15.02 6.14 -27.26
CA GLU A 417 -14.64 7.54 -27.39
C GLU A 417 -15.07 8.40 -26.23
N MET A 418 -15.85 7.85 -25.27
CA MET A 418 -16.31 8.61 -24.08
C MET A 418 -15.14 9.12 -23.25
N PRO A 419 -15.26 10.31 -22.67
CA PRO A 419 -14.21 10.70 -21.70
C PRO A 419 -14.31 9.84 -20.39
N VAL A 420 -13.20 9.73 -19.68
CA VAL A 420 -13.11 8.89 -18.49
C VAL A 420 -12.37 9.69 -17.42
N PRO A 421 -12.60 9.37 -16.16
CA PRO A 421 -11.92 10.15 -15.14
C PRO A 421 -10.41 10.23 -15.37
N GLU A 422 -9.82 11.35 -14.95
CA GLU A 422 -8.36 11.62 -15.05
C GLU A 422 -7.53 10.53 -14.34
N THR A 423 -8.01 10.02 -13.21
CA THR A 423 -7.34 8.91 -12.52
C THR A 423 -7.11 7.67 -13.44
N LEU A 424 -8.10 7.35 -14.27
CA LEU A 424 -8.03 6.25 -15.25
C LEU A 424 -7.25 6.63 -16.49
N GLU A 425 -7.31 7.91 -16.92
CA GLU A 425 -6.48 8.39 -18.04
C GLU A 425 -5.01 8.15 -17.73
N ARG A 426 -4.60 8.48 -16.51
CA ARG A 426 -3.21 8.32 -16.08
C ARG A 426 -2.77 6.87 -16.08
N LYS A 427 -3.63 5.97 -15.60
CA LYS A 427 -3.36 4.52 -15.63
C LYS A 427 -3.17 4.02 -17.05
N ILE A 428 -4.12 4.34 -17.93
CA ILE A 428 -4.08 3.90 -19.33
C ILE A 428 -2.83 4.45 -20.00
N ALA A 429 -2.47 5.70 -19.69
CA ALA A 429 -1.31 6.34 -20.33
C ALA A 429 0.04 5.72 -19.87
N LEU A 430 0.20 5.42 -18.59
CA LEU A 430 1.45 4.82 -18.15
C LEU A 430 1.55 3.36 -18.59
N TRP A 431 0.41 2.67 -18.73
CA TRP A 431 0.42 1.29 -19.21
C TRP A 431 0.93 1.26 -20.65
N THR A 432 0.34 2.07 -21.54
CA THR A 432 0.73 2.06 -22.96
C THR A 432 2.14 2.61 -23.20
N ALA A 433 2.58 3.55 -22.37
CA ALA A 433 3.93 4.09 -22.46
C ALA A 433 5.00 3.16 -21.96
N ARG A 434 4.73 2.41 -20.91
CA ARG A 434 5.83 1.75 -20.19
C ARG A 434 5.55 0.35 -19.59
N GLY A 435 4.29 -0.10 -19.64
CA GLY A 435 3.91 -1.37 -19.02
C GLY A 435 3.98 -1.43 -17.49
N GLN A 436 3.68 -0.29 -16.86
CA GLN A 436 3.65 -0.17 -15.41
C GLN A 436 2.30 0.35 -14.92
N PHE A 437 2.09 0.18 -13.62
CA PHE A 437 0.79 0.33 -12.99
C PHE A 437 0.80 1.54 -12.08
N VAL A 438 -0.13 2.47 -12.29
CA VAL A 438 -0.31 3.57 -11.35
C VAL A 438 -1.06 2.97 -10.16
N ARG A 439 -0.56 3.24 -8.96
CA ARG A 439 -1.15 2.68 -7.76
C ARG A 439 -1.66 3.79 -6.87
N TYR A 440 -2.97 3.80 -6.67
CA TYR A 440 -3.61 4.71 -5.73
C TYR A 440 -3.91 3.93 -4.44
N ARG A 441 -4.37 4.66 -3.43
CA ARG A 441 -4.81 4.01 -2.17
C ARG A 441 -6.19 3.38 -2.41
N TRP A 442 -6.43 2.29 -1.70
CA TRP A 442 -7.78 1.67 -1.57
C TRP A 442 -8.29 0.93 -2.84
N GLU A 443 -7.35 0.42 -3.64
CA GLU A 443 -7.65 -0.40 -4.80
C GLU A 443 -8.19 -1.78 -4.36
N MET A 444 -9.35 -2.16 -4.84
CA MET A 444 -9.88 -3.48 -4.61
C MET A 444 -9.20 -4.49 -5.51
N PHE A 445 -8.82 -4.02 -6.70
CA PHE A 445 -8.21 -4.82 -7.77
C PHE A 445 -6.75 -4.51 -7.92
N HIS A 446 -5.93 -5.54 -7.80
CA HIS A 446 -4.48 -5.40 -7.77
C HIS A 446 -3.90 -5.46 -9.19
N PRO A 447 -2.59 -5.23 -9.35
CA PRO A 447 -2.04 -5.15 -10.73
C PRO A 447 -2.36 -6.31 -11.71
N ALA A 448 -2.38 -7.55 -11.22
CA ALA A 448 -2.69 -8.69 -12.09
C ALA A 448 -4.11 -8.62 -12.70
N SER A 449 -5.03 -8.00 -11.99
CA SER A 449 -6.38 -7.86 -12.52
C SER A 449 -6.45 -6.82 -13.64
N TRP A 450 -5.65 -5.76 -13.51
CA TRP A 450 -5.53 -4.72 -14.53
C TRP A 450 -4.91 -5.30 -15.81
N LEU A 451 -3.82 -6.05 -15.62
CA LEU A 451 -3.16 -6.85 -16.66
C LEU A 451 -4.12 -7.73 -17.43
N ALA A 452 -4.99 -8.43 -16.72
CA ALA A 452 -5.97 -9.34 -17.38
C ALA A 452 -6.90 -8.57 -18.32
N ILE A 453 -7.28 -7.37 -17.92
CA ILE A 453 -8.17 -6.58 -18.75
C ILE A 453 -7.39 -5.96 -19.92
N TYR A 454 -6.20 -5.42 -19.66
CA TYR A 454 -5.37 -4.89 -20.76
C TYR A 454 -5.16 -5.97 -21.81
N ASP A 455 -4.72 -7.14 -21.39
CA ASP A 455 -4.46 -8.25 -22.32
C ASP A 455 -5.75 -8.78 -22.97
N GLY A 456 -6.82 -8.90 -22.22
CA GLY A 456 -8.13 -9.31 -22.78
C GLY A 456 -8.68 -8.40 -23.89
N PHE A 457 -8.48 -7.11 -23.76
CA PHE A 457 -8.86 -6.17 -24.82
C PHE A 457 -7.75 -5.85 -25.82
N GLY A 458 -6.64 -6.56 -25.78
CA GLY A 458 -5.56 -6.42 -26.74
C GLY A 458 -4.77 -5.11 -26.70
N LEU A 459 -4.70 -4.45 -25.54
CA LEU A 459 -3.92 -3.20 -25.41
C LEU A 459 -2.58 -3.48 -24.73
N TYR A 460 -1.50 -3.32 -25.49
CA TYR A 460 -0.14 -3.65 -25.05
C TYR A 460 0.77 -2.46 -25.18
N PRO A 461 1.80 -2.37 -24.33
CA PRO A 461 2.72 -1.23 -24.41
C PRO A 461 3.61 -1.28 -25.64
N ASP A 462 4.10 -0.11 -26.04
CA ASP A 462 5.01 0.03 -27.20
C ASP A 462 6.36 -0.52 -26.78
N HIS A 463 6.83 -0.05 -25.62
CA HIS A 463 8.12 -0.31 -24.97
C HIS A 463 8.00 -1.21 -23.71
N HIS A 464 8.49 -2.46 -23.71
CA HIS A 464 8.69 -3.20 -22.41
C HIS A 464 9.97 -2.69 -21.66
N ASP A 465 10.24 -3.23 -20.47
CA ASP A 465 11.41 -2.85 -19.64
C ASP A 465 12.73 -3.31 -20.31
N PRO A 466 13.70 -2.39 -20.60
CA PRO A 466 14.87 -2.79 -21.45
C PRO A 466 15.93 -3.66 -20.80
N ALA A 467 15.82 -3.93 -19.49
CA ALA A 467 16.73 -4.91 -18.82
C ALA A 467 16.42 -6.34 -19.30
N VAL A 468 15.21 -6.50 -19.80
CA VAL A 468 14.67 -7.76 -20.30
C VAL A 468 15.31 -8.19 -21.62
N ASP A 469 15.65 -7.24 -22.50
CA ASP A 469 16.35 -7.53 -23.77
C ASP A 469 17.78 -8.08 -23.66
N ALA A 470 18.37 -7.96 -22.46
CA ALA A 470 19.62 -8.64 -22.09
C ALA A 470 19.56 -10.19 -22.13
N MET A 471 18.36 -10.76 -22.02
CA MET A 471 18.16 -12.22 -21.96
C MET A 471 18.17 -12.88 -23.36
N ASP A 472 18.71 -14.10 -23.43
CA ASP A 472 18.89 -14.83 -24.67
C ASP A 472 17.53 -15.41 -25.16
N PRO A 473 17.15 -15.14 -26.44
CA PRO A 473 15.81 -15.58 -26.92
C PRO A 473 15.60 -17.10 -26.95
N ALA A 474 16.68 -17.88 -27.16
CA ALA A 474 16.63 -19.32 -27.05
C ALA A 474 16.45 -19.77 -25.59
N TYR A 475 17.18 -19.15 -24.65
CA TYR A 475 17.03 -19.51 -23.22
C TYR A 475 15.65 -19.16 -22.65
N LEU A 476 15.16 -17.98 -23.01
CA LEU A 476 13.84 -17.51 -22.61
C LEU A 476 12.78 -18.46 -23.12
N ALA A 477 12.83 -18.75 -24.42
CA ALA A 477 11.84 -19.60 -25.12
C ALA A 477 11.59 -20.95 -24.45
N ARG A 478 12.65 -21.52 -23.85
CA ARG A 478 12.56 -22.83 -23.19
C ARG A 478 12.07 -22.74 -21.74
N SER A 479 12.47 -21.70 -21.01
CA SER A 479 11.88 -21.43 -19.69
C SER A 479 10.34 -21.23 -19.76
N LEU A 480 9.90 -20.51 -20.79
CA LEU A 480 8.49 -20.28 -21.01
C LEU A 480 7.72 -21.52 -21.44
N ALA A 481 8.32 -22.38 -22.26
CA ALA A 481 7.65 -23.62 -22.69
C ALA A 481 7.51 -24.60 -21.52
N GLU A 482 8.49 -24.62 -20.62
CA GLU A 482 8.40 -25.40 -19.37
C GLU A 482 7.22 -24.97 -18.45
N MET A 483 7.07 -23.65 -18.26
CA MET A 483 5.95 -23.09 -17.52
C MET A 483 4.62 -23.48 -18.16
N ARG A 484 4.52 -23.21 -19.44
CA ARG A 484 3.34 -23.44 -20.28
C ARG A 484 2.88 -24.91 -20.21
N ALA A 485 3.86 -25.81 -20.20
CA ALA A 485 3.62 -27.23 -20.05
C ALA A 485 3.23 -27.65 -18.62
N ASN A 486 3.94 -27.15 -17.59
CA ASN A 486 3.60 -27.47 -16.19
C ASN A 486 2.13 -27.21 -15.91
N ILE A 487 1.66 -26.03 -16.34
CA ILE A 487 0.26 -25.65 -16.16
C ILE A 487 -0.68 -26.58 -16.95
N ALA A 488 -0.38 -26.82 -18.23
CA ALA A 488 -1.31 -27.54 -19.10
C ALA A 488 -1.53 -28.96 -18.56
N ASP A 489 -0.44 -29.60 -18.16
CA ASP A 489 -0.43 -30.96 -17.60
C ASP A 489 -1.01 -31.10 -16.18
N LEU A 490 -0.78 -30.08 -15.35
CA LEU A 490 -1.43 -29.99 -14.02
C LEU A 490 -2.96 -29.85 -14.20
N VAL A 491 -3.39 -28.96 -15.10
CA VAL A 491 -4.81 -28.85 -15.41
C VAL A 491 -5.38 -30.17 -15.87
N ALA A 492 -4.66 -30.84 -16.77
CA ALA A 492 -5.16 -32.05 -17.44
C ALA A 492 -5.47 -33.16 -16.44
N ARG A 493 -4.62 -33.29 -15.44
CA ARG A 493 -4.81 -34.31 -14.42
C ARG A 493 -5.65 -33.90 -13.18
N THR A 494 -6.26 -32.73 -13.19
CA THR A 494 -7.05 -32.24 -12.06
C THR A 494 -8.50 -32.64 -12.27
N PRO A 495 -9.21 -33.03 -11.21
CA PRO A 495 -10.62 -33.43 -11.43
C PRO A 495 -11.52 -32.29 -11.94
N GLU A 496 -12.68 -32.65 -12.46
CA GLU A 496 -13.63 -31.68 -12.92
C GLU A 496 -14.29 -31.00 -11.76
N HIS A 497 -14.85 -29.84 -12.04
CA HIS A 497 -15.62 -29.07 -11.09
C HIS A 497 -16.71 -29.95 -10.44
N ALA A 498 -17.39 -30.77 -11.24
CA ALA A 498 -18.50 -31.60 -10.75
C ALA A 498 -18.13 -32.50 -9.58
N GLN A 499 -16.90 -33.01 -9.57
CA GLN A 499 -16.47 -33.93 -8.50
C GLN A 499 -16.37 -33.27 -7.11
N PHE A 500 -15.93 -32.00 -7.07
CA PHE A 500 -15.87 -31.22 -5.83
C PHE A 500 -17.26 -30.92 -5.33
N LEU A 501 -18.17 -30.65 -6.25
CA LEU A 501 -19.58 -30.38 -5.92
C LEU A 501 -20.33 -31.63 -5.41
N ALA A 502 -20.03 -32.79 -6.01
CA ALA A 502 -20.58 -34.08 -5.54
C ALA A 502 -20.15 -34.44 -4.11
N GLY A 503 -18.93 -34.01 -3.73
CA GLY A 503 -18.43 -34.14 -2.34
C GLY A 503 -18.97 -33.13 -1.33
N LEU A 504 -19.79 -32.19 -1.77
CA LEU A 504 -20.53 -31.31 -0.89
C LEU A 504 -21.84 -31.96 -0.54
N ASP B 8 15.80 1.64 -33.58
CA ASP B 8 15.65 1.17 -32.15
C ASP B 8 15.69 2.33 -31.12
N PRO B 9 14.54 2.62 -30.48
CA PRO B 9 14.53 3.77 -29.57
C PRO B 9 15.34 3.57 -28.24
N ARG B 10 15.64 2.32 -27.87
CA ARG B 10 16.66 1.93 -26.89
C ARG B 10 17.67 3.02 -26.44
N ILE B 11 17.75 3.24 -25.12
CA ILE B 11 18.86 4.04 -24.52
C ILE B 11 20.20 3.28 -24.75
N ARG B 12 21.17 3.95 -25.34
CA ARG B 12 22.49 3.35 -25.63
C ARG B 12 23.58 3.70 -24.63
N SER B 13 23.38 4.74 -23.84
CA SER B 13 24.43 5.26 -22.99
C SER B 13 23.85 6.06 -21.81
N VAL B 14 24.56 6.02 -20.69
CA VAL B 14 24.15 6.70 -19.47
C VAL B 14 25.36 7.41 -18.90
N VAL B 15 25.18 8.70 -18.60
CA VAL B 15 26.26 9.51 -18.07
C VAL B 15 25.86 10.01 -16.69
N ILE B 16 26.66 9.66 -15.69
CA ILE B 16 26.33 9.99 -14.33
C ILE B 16 27.27 11.13 -13.98
N VAL B 17 26.69 12.26 -13.60
CA VAL B 17 27.44 13.46 -13.35
C VAL B 17 27.67 13.63 -11.87
N GLY B 18 28.85 13.21 -11.39
CA GLY B 18 29.24 13.26 -10.00
C GLY B 18 29.41 11.84 -9.45
N GLY B 19 30.39 11.64 -8.58
CA GLY B 19 30.58 10.39 -7.84
C GLY B 19 29.97 10.52 -6.46
N GLY B 20 30.77 10.24 -5.44
CA GLY B 20 30.26 10.07 -4.06
C GLY B 20 29.30 8.89 -3.93
N THR B 21 28.42 8.96 -2.95
CA THR B 21 27.48 7.88 -2.70
C THR B 21 26.43 7.86 -3.77
N ALA B 22 25.92 9.03 -4.15
CA ALA B 22 24.79 9.03 -5.10
C ALA B 22 25.26 8.50 -6.42
N GLY B 23 26.43 8.98 -6.89
CA GLY B 23 26.96 8.58 -8.19
C GLY B 23 27.36 7.11 -8.30
N TRP B 24 28.08 6.64 -7.30
CA TRP B 24 28.56 5.27 -7.36
C TRP B 24 27.52 4.24 -6.94
N MET B 25 26.55 4.59 -6.06
CA MET B 25 25.39 3.70 -5.87
C MET B 25 24.60 3.54 -7.18
N THR B 26 24.32 4.65 -7.86
CA THR B 26 23.65 4.60 -9.16
C THR B 26 24.41 3.72 -10.22
N ALA B 27 25.71 3.95 -10.37
CA ALA B 27 26.55 3.21 -11.30
C ALA B 27 26.52 1.72 -11.00
N ALA B 28 26.72 1.36 -9.73
CA ALA B 28 26.74 -0.06 -9.36
C ALA B 28 25.40 -0.76 -9.62
N ALA B 29 24.31 -0.08 -9.25
CA ALA B 29 22.94 -0.60 -9.41
C ALA B 29 22.61 -0.80 -10.90
N LEU B 30 22.92 0.20 -11.73
CA LEU B 30 22.69 0.09 -13.18
C LEU B 30 23.63 -0.92 -13.87
N VAL B 31 24.88 -1.01 -13.42
CA VAL B 31 25.79 -2.06 -13.92
C VAL B 31 25.20 -3.46 -13.71
N GLN B 32 24.74 -3.77 -12.49
CA GLN B 32 24.14 -5.10 -12.22
C GLN B 32 22.85 -5.35 -13.02
N HIS B 33 22.00 -4.34 -13.07
CA HIS B 33 20.69 -4.49 -13.68
C HIS B 33 20.75 -4.65 -15.21
N PHE B 34 21.71 -3.98 -15.84
CA PHE B 34 21.94 -4.04 -17.28
C PHE B 34 23.29 -4.72 -17.61
N ARG B 35 23.70 -5.73 -16.82
CA ARG B 35 25.07 -6.30 -16.88
C ARG B 35 25.52 -6.77 -18.28
N THR B 36 24.69 -7.57 -18.94
CA THR B 36 25.00 -8.12 -20.28
C THR B 36 24.25 -7.44 -21.44
N ALA B 37 23.78 -6.22 -21.24
CA ALA B 37 23.08 -5.45 -22.28
C ALA B 37 24.05 -4.47 -22.90
N PRO B 38 23.77 -4.02 -24.13
CA PRO B 38 24.69 -3.07 -24.75
C PRO B 38 24.34 -1.69 -24.25
N LEU B 39 24.80 -1.37 -23.05
CA LEU B 39 24.51 -0.10 -22.43
C LEU B 39 25.81 0.42 -21.89
N LYS B 40 26.27 1.57 -22.42
CA LYS B 40 27.43 2.22 -21.88
C LYS B 40 27.05 2.99 -20.62
N ILE B 41 27.85 2.85 -19.57
CA ILE B 41 27.68 3.64 -18.39
C ILE B 41 29.03 4.27 -18.08
N THR B 42 28.99 5.56 -17.79
CA THR B 42 30.17 6.34 -17.45
C THR B 42 29.83 7.32 -16.32
N VAL B 43 30.76 7.45 -15.36
CA VAL B 43 30.70 8.43 -14.29
C VAL B 43 31.76 9.51 -14.61
N VAL B 44 31.43 10.76 -14.34
CA VAL B 44 32.31 11.91 -14.48
C VAL B 44 32.41 12.62 -13.13
N GLU B 45 33.59 12.60 -12.51
CA GLU B 45 33.83 13.23 -11.20
C GLU B 45 35.24 13.83 -11.16
N SER B 46 35.51 14.57 -10.08
CA SER B 46 36.84 15.11 -9.75
C SER B 46 37.17 14.93 -8.27
N VAL B 54 33.69 10.35 6.20
CA VAL B 54 32.63 10.89 7.05
C VAL B 54 31.50 9.88 7.40
N GLY B 55 31.22 9.74 8.69
CA GLY B 55 30.34 8.70 9.23
C GLY B 55 28.87 8.99 9.00
N GLU B 56 28.11 7.96 8.61
CA GLU B 56 26.72 8.14 8.24
C GLU B 56 25.89 6.93 8.69
N ALA B 57 24.63 7.19 9.02
CA ALA B 57 23.68 6.14 9.34
C ALA B 57 22.77 5.80 8.17
N THR B 58 22.08 4.67 8.30
CA THR B 58 21.19 4.14 7.28
C THR B 58 19.96 3.47 7.89
N ILE B 59 19.02 3.08 7.04
CA ILE B 59 17.91 2.21 7.41
C ILE B 59 18.12 0.83 6.75
N PRO B 60 17.34 -0.18 7.14
CA PRO B 60 17.63 -1.54 6.66
C PRO B 60 17.51 -1.80 5.13
N THR B 61 16.80 -0.95 4.41
CA THR B 61 16.78 -1.04 2.97
C THR B 61 18.22 -1.17 2.40
N ILE B 62 19.21 -0.49 2.97
CA ILE B 62 20.60 -0.50 2.41
C ILE B 62 21.21 -1.92 2.33
N ARG B 63 20.84 -2.80 3.25
CA ARG B 63 21.32 -4.20 3.24
C ARG B 63 20.71 -4.96 2.07
N ARG B 64 19.48 -4.64 1.70
CA ARG B 64 18.86 -5.18 0.50
C ARG B 64 19.52 -4.60 -0.77
N PHE B 65 19.91 -3.33 -0.73
CA PHE B 65 20.50 -2.66 -1.89
C PHE B 65 21.77 -3.40 -2.32
N TYR B 66 22.70 -3.55 -1.39
CA TYR B 66 23.95 -4.26 -1.70
C TYR B 66 23.75 -5.78 -1.78
N GLY B 67 22.70 -6.28 -1.11
CA GLY B 67 22.19 -7.63 -1.31
C GLY B 67 21.91 -7.96 -2.77
N GLN B 68 21.20 -7.06 -3.46
CA GLN B 68 20.84 -7.25 -4.86
C GLN B 68 22.07 -7.22 -5.77
N LEU B 69 23.15 -6.57 -5.34
CA LEU B 69 24.41 -6.57 -6.09
C LEU B 69 25.26 -7.87 -5.98
N GLY B 70 24.87 -8.81 -5.11
CA GLY B 70 25.69 -10.02 -4.81
C GLY B 70 26.73 -9.86 -3.68
N LEU B 71 26.63 -8.79 -2.88
CA LEU B 71 27.57 -8.48 -1.78
C LEU B 71 27.00 -8.97 -0.45
N ARG B 72 27.89 -9.36 0.47
CA ARG B 72 27.52 -9.86 1.81
C ARG B 72 27.69 -8.74 2.85
N ASP B 73 26.91 -8.84 3.93
CA ASP B 73 26.96 -7.91 5.07
C ASP B 73 28.36 -7.86 5.66
N ASP B 74 28.96 -9.01 5.92
CA ASP B 74 30.30 -8.99 6.54
C ASP B 74 31.38 -8.31 5.68
N ASP B 75 31.42 -8.63 4.38
CA ASP B 75 32.42 -8.02 3.50
C ASP B 75 32.21 -6.49 3.42
N VAL B 76 30.95 -6.04 3.26
CA VAL B 76 30.68 -4.58 3.15
C VAL B 76 31.04 -3.87 4.47
N MET B 77 30.71 -4.53 5.58
CA MET B 77 30.99 -3.95 6.91
C MET B 77 32.47 -3.83 7.18
N ARG B 78 33.22 -4.91 6.93
CA ARG B 78 34.70 -4.87 7.01
C ARG B 78 35.27 -3.70 6.21
N ALA B 79 34.78 -3.52 4.99
CA ALA B 79 35.38 -2.54 4.07
C ALA B 79 35.00 -1.10 4.43
N THR B 80 33.92 -0.91 5.17
CA THR B 80 33.42 0.44 5.47
C THR B 80 33.54 0.89 6.94
N GLN B 81 34.35 0.15 7.74
CA GLN B 81 34.56 0.45 9.16
C GLN B 81 33.22 0.46 9.93
N ALA B 82 32.27 -0.32 9.45
CA ALA B 82 30.88 -0.25 9.90
C ALA B 82 30.65 -0.94 11.21
N THR B 83 29.56 -0.52 11.85
CA THR B 83 29.00 -1.22 13.01
C THR B 83 27.47 -1.40 12.81
N CYS B 84 26.88 -2.22 13.65
CA CYS B 84 25.43 -2.48 13.62
C CYS B 84 24.61 -1.31 14.13
N LYS B 85 23.44 -1.10 13.50
CA LYS B 85 22.47 -0.09 13.93
C LYS B 85 21.11 -0.73 14.15
N LEU B 86 20.70 -0.83 15.40
CA LEU B 86 19.37 -1.35 15.73
C LEU B 86 18.21 -0.33 15.78
N GLY B 87 18.54 0.96 15.73
CA GLY B 87 17.56 2.07 15.79
C GLY B 87 18.22 3.39 16.19
N ILE B 88 17.42 4.39 16.51
CA ILE B 88 17.98 5.70 16.93
C ILE B 88 17.52 6.01 18.33
N ARG B 89 18.42 6.55 19.13
CA ARG B 89 18.12 6.86 20.53
C ARG B 89 17.94 8.36 20.74
N PHE B 90 16.73 8.77 21.11
CA PHE B 90 16.37 10.20 21.29
C PHE B 90 16.49 10.59 22.78
N LEU B 91 17.42 11.50 23.05
CA LEU B 91 17.75 11.95 24.41
C LEU B 91 17.39 13.40 24.59
N ASP B 92 16.67 13.66 25.70
CA ASP B 92 16.34 15.02 26.17
C ASP B 92 15.34 15.80 25.28
N TRP B 93 14.51 15.13 24.46
CA TRP B 93 13.51 15.85 23.63
C TRP B 93 12.25 16.22 24.43
N SER B 94 12.04 15.53 25.55
CA SER B 94 10.89 15.76 26.43
C SER B 94 11.26 16.48 27.75
N GLY B 95 12.52 16.91 27.89
CA GLY B 95 13.07 17.44 29.12
C GLY B 95 14.25 16.59 29.59
N PRO B 96 15.16 17.18 30.40
CA PRO B 96 16.30 16.50 31.01
C PRO B 96 16.05 15.06 31.48
N GLY B 97 16.87 14.14 30.96
CA GLY B 97 16.78 12.72 31.29
C GLY B 97 15.85 11.90 30.40
N SER B 98 15.02 12.53 29.56
CA SER B 98 14.11 11.77 28.69
C SER B 98 14.94 10.87 27.75
N ASP B 99 14.37 9.73 27.39
CA ASP B 99 15.13 8.65 26.77
C ASP B 99 14.18 7.62 26.12
N PHE B 100 14.15 7.59 24.78
CA PHE B 100 13.47 6.52 24.04
C PHE B 100 14.24 6.07 22.78
N ILE B 101 13.96 4.86 22.31
CA ILE B 101 14.58 4.30 21.10
C ILE B 101 13.53 4.01 20.01
N HIS B 102 13.78 4.54 18.80
CA HIS B 102 13.03 4.18 17.58
C HIS B 102 13.74 3.05 16.90
N PRO B 103 13.18 1.84 17.02
CA PRO B 103 13.82 0.67 16.45
C PRO B 103 13.34 0.35 15.04
N PHE B 104 13.94 -0.65 14.41
CA PHE B 104 13.38 -1.30 13.21
C PHE B 104 12.63 -2.55 13.64
N GLY B 105 11.36 -2.39 13.99
CA GLY B 105 10.50 -3.51 14.37
C GLY B 105 9.12 -3.07 14.82
N LEU B 106 8.23 -4.05 14.98
CA LEU B 106 6.93 -3.83 15.61
C LEU B 106 6.99 -4.01 17.15
N TYR B 107 5.91 -3.59 17.82
CA TYR B 107 5.71 -3.73 19.26
C TYR B 107 4.72 -4.84 19.62
N GLY B 108 5.14 -5.76 20.45
CA GLY B 108 4.24 -6.78 20.94
C GLY B 108 3.74 -7.69 19.83
N GLN B 109 2.54 -8.22 20.07
CA GLN B 109 1.84 -9.17 19.21
C GLN B 109 0.41 -8.67 18.99
N ASP B 110 0.07 -8.41 17.72
CA ASP B 110 -1.32 -8.09 17.34
C ASP B 110 -2.21 -9.30 17.59
N VAL B 111 -3.44 -9.03 18.01
CA VAL B 111 -4.40 -10.06 18.42
C VAL B 111 -5.76 -9.79 17.77
N LYS B 112 -6.34 -10.81 17.18
CA LYS B 112 -7.68 -10.74 16.58
C LYS B 112 -7.82 -9.58 15.58
N GLY B 113 -6.75 -9.27 14.87
CA GLY B 113 -6.70 -8.11 13.95
C GLY B 113 -6.50 -6.73 14.60
N ILE B 114 -6.49 -6.69 15.94
CA ILE B 114 -6.37 -5.46 16.69
C ILE B 114 -4.89 -5.26 17.02
N GLY B 115 -4.45 -4.02 16.91
CA GLY B 115 -3.07 -3.67 17.09
C GLY B 115 -2.70 -3.77 18.57
N PHE B 116 -1.50 -4.29 18.81
CA PHE B 116 -1.01 -4.44 20.16
C PHE B 116 -1.17 -3.19 21.04
N HIS B 117 -0.83 -2.02 20.50
CA HIS B 117 -0.82 -0.80 21.29
C HIS B 117 -2.15 -0.49 22.04
N HIS B 118 -3.29 -0.95 21.49
CA HIS B 118 -4.61 -0.81 22.15
C HIS B 118 -4.70 -1.60 23.46
N TYR B 119 -4.27 -2.86 23.43
CA TYR B 119 -4.22 -3.66 24.63
C TYR B 119 -3.24 -3.02 25.66
N TRP B 120 -2.07 -2.58 25.19
CA TRP B 120 -1.11 -1.87 26.04
C TRP B 120 -1.72 -0.62 26.67
N LEU B 121 -2.49 0.13 25.91
CA LEU B 121 -3.16 1.31 26.47
C LEU B 121 -4.22 0.99 27.53
N LYS B 122 -5.04 -0.03 27.31
CA LYS B 122 -5.99 -0.51 28.32
C LYS B 122 -5.29 -0.79 29.64
N GLN B 123 -4.22 -1.56 29.58
CA GLN B 123 -3.45 -1.93 30.79
C GLN B 123 -2.80 -0.70 31.41
N ARG B 124 -2.31 0.19 30.57
CA ARG B 124 -1.74 1.44 31.07
C ARG B 124 -2.78 2.26 31.81
N ARG B 125 -4.03 2.20 31.35
CA ARG B 125 -5.16 2.91 31.97
C ARG B 125 -5.38 2.35 33.38
N ALA B 126 -5.30 1.02 33.52
CA ALA B 126 -5.49 0.35 34.81
C ALA B 126 -4.30 0.34 35.77
N GLY B 127 -3.24 1.11 35.52
CA GLY B 127 -2.19 1.34 36.53
C GLY B 127 -0.77 0.82 36.27
N ASP B 128 -0.65 -0.27 35.50
CA ASP B 128 0.65 -0.74 34.97
C ASP B 128 1.52 0.37 34.30
N ALA B 129 2.79 0.46 34.69
CA ALA B 129 3.71 1.51 34.22
C ALA B 129 4.82 1.05 33.23
N ALA B 130 4.72 -0.18 32.71
CA ALA B 130 5.74 -0.73 31.79
C ALA B 130 5.78 0.01 30.44
N PRO B 131 6.97 0.55 30.07
CA PRO B 131 7.04 1.31 28.82
C PRO B 131 6.65 0.45 27.62
N LEU B 132 6.11 1.08 26.59
CA LEU B 132 5.80 0.37 25.36
C LEU B 132 7.05 -0.34 24.77
N ALA B 133 8.23 0.26 24.92
CA ALA B 133 9.52 -0.30 24.49
C ALA B 133 9.92 -1.67 25.10
N ALA B 134 9.38 -2.01 26.28
CA ALA B 134 9.59 -3.34 26.82
C ALA B 134 9.01 -4.44 25.95
N TYR B 135 8.20 -4.10 24.97
CA TYR B 135 7.61 -5.10 24.07
C TYR B 135 8.19 -5.11 22.67
N SER B 136 9.33 -4.44 22.47
CA SER B 136 10.13 -4.49 21.23
C SER B 136 11.49 -5.10 21.49
N LEU B 137 11.77 -6.23 20.85
CA LEU B 137 13.06 -6.90 20.98
C LEU B 137 14.16 -6.01 20.45
N GLY B 138 13.90 -5.34 19.33
CA GLY B 138 14.89 -4.44 18.72
C GLY B 138 15.36 -3.40 19.72
N ALA B 139 14.39 -2.72 20.32
CA ALA B 139 14.65 -1.64 21.27
C ALA B 139 15.35 -2.12 22.50
N ALA B 140 14.90 -3.25 23.04
CA ALA B 140 15.53 -3.90 24.23
C ALA B 140 16.98 -4.29 23.94
N LEU B 141 17.23 -4.88 22.77
CA LEU B 141 18.61 -5.20 22.34
C LEU B 141 19.46 -3.93 22.21
N ALA B 142 18.94 -2.86 21.62
CA ALA B 142 19.72 -1.61 21.53
C ALA B 142 20.07 -1.04 22.90
N ALA B 143 19.08 -0.96 23.79
CA ALA B 143 19.31 -0.49 25.18
C ALA B 143 20.29 -1.40 25.97
N GLY B 144 20.27 -2.71 25.71
CA GLY B 144 21.18 -3.64 26.33
C GLY B 144 22.61 -3.75 25.80
N GLY B 145 22.98 -2.88 24.86
CA GLY B 145 24.26 -3.02 24.14
C GLY B 145 24.46 -4.37 23.46
N LYS B 146 23.39 -5.07 23.11
CA LYS B 146 23.45 -6.39 22.48
C LYS B 146 23.23 -6.35 20.96
N PHE B 147 23.62 -7.45 20.30
CA PHE B 147 23.35 -7.71 18.90
C PHE B 147 23.33 -9.19 18.50
N THR B 148 22.34 -9.57 17.69
CA THR B 148 22.31 -10.88 17.02
C THR B 148 21.55 -10.76 15.70
N LEU B 149 21.92 -11.59 14.72
CA LEU B 149 21.15 -11.67 13.49
C LEU B 149 19.71 -12.11 13.81
N PRO B 150 18.69 -11.43 13.25
CA PRO B 150 17.31 -11.94 13.43
C PRO B 150 17.12 -13.33 12.81
N SER B 151 16.20 -14.11 13.37
CA SER B 151 15.89 -15.45 12.85
C SER B 151 15.25 -15.32 11.50
N PRO B 152 15.63 -16.20 10.55
CA PRO B 152 14.92 -16.17 9.26
C PRO B 152 13.46 -16.59 9.28
N HIS B 153 13.09 -17.58 10.10
CA HIS B 153 11.74 -18.13 10.14
C HIS B 153 11.32 -18.14 11.64
N PRO B 154 10.97 -16.94 12.16
CA PRO B 154 10.90 -16.77 13.62
C PRO B 154 9.59 -17.35 14.24
N PRO B 155 9.68 -18.00 15.42
CA PRO B 155 8.48 -18.50 16.10
C PRO B 155 7.21 -17.65 15.93
N SER B 156 7.32 -16.34 16.20
CA SER B 156 6.19 -15.39 16.09
C SER B 156 6.68 -13.95 15.87
N GLN B 157 5.71 -13.03 15.72
CA GLN B 157 5.93 -11.58 15.66
C GLN B 157 6.90 -10.97 16.72
N LEU B 158 6.95 -11.52 17.94
CA LEU B 158 7.83 -10.99 19.00
C LEU B 158 9.33 -11.08 18.73
N SER B 159 9.74 -11.99 17.85
CA SER B 159 11.18 -12.16 17.57
C SER B 159 11.62 -11.46 16.28
N VAL B 160 10.72 -10.72 15.63
CA VAL B 160 11.03 -10.07 14.36
C VAL B 160 11.56 -8.66 14.61
N PHE B 161 12.79 -8.42 14.17
CA PHE B 161 13.40 -7.08 14.14
C PHE B 161 14.30 -7.03 12.90
N ASP B 162 14.65 -5.81 12.45
CA ASP B 162 15.67 -5.65 11.42
C ASP B 162 16.83 -4.75 11.91
N TRP B 163 17.84 -4.59 11.09
CA TRP B 163 19.04 -3.83 11.47
C TRP B 163 19.70 -3.23 10.25
N ALA B 164 20.52 -2.22 10.50
CA ALA B 164 21.18 -1.47 9.42
C ALA B 164 22.62 -1.17 9.81
N LEU B 165 23.28 -0.26 9.07
CA LEU B 165 24.67 0.09 9.32
C LEU B 165 24.92 1.54 9.72
N HIS B 166 25.93 1.70 10.58
CA HIS B 166 26.66 2.94 10.69
C HIS B 166 27.90 2.69 9.84
N LEU B 167 28.21 3.57 8.89
CA LEU B 167 29.36 3.32 8.03
C LEU B 167 30.06 4.57 7.50
N ASP B 168 31.29 4.35 7.00
CA ASP B 168 32.02 5.43 6.33
C ASP B 168 31.51 5.55 4.90
N ALA B 169 30.88 6.67 4.58
CA ALA B 169 30.24 6.85 3.28
C ALA B 169 31.26 6.89 2.14
N GLY B 170 32.38 7.53 2.40
CA GLY B 170 33.53 7.56 1.47
C GLY B 170 34.05 6.17 1.14
N LEU B 171 34.24 5.33 2.14
CA LEU B 171 34.67 3.94 1.90
C LEU B 171 33.60 3.16 1.15
N PHE B 172 32.32 3.37 1.51
CA PHE B 172 31.18 2.76 0.82
C PHE B 172 31.20 3.17 -0.65
N ALA B 173 31.41 4.46 -0.91
CA ALA B 173 31.56 4.92 -2.31
C ALA B 173 32.71 4.23 -3.05
N GLN B 174 33.85 4.10 -2.41
CA GLN B 174 35.00 3.38 -3.01
C GLN B 174 34.69 1.90 -3.31
N HIS B 175 34.05 1.20 -2.39
CA HIS B 175 33.68 -0.20 -2.61
C HIS B 175 32.74 -0.38 -3.84
N LEU B 176 31.74 0.50 -3.96
CA LEU B 176 30.82 0.42 -5.10
C LEU B 176 31.46 0.81 -6.41
N ARG B 177 32.38 1.78 -6.37
CA ARG B 177 33.20 2.14 -7.56
C ARG B 177 33.98 0.96 -8.13
N ALA B 178 34.67 0.23 -7.27
CA ALA B 178 35.40 -0.96 -7.71
C ALA B 178 34.42 -2.01 -8.25
N TYR B 179 33.25 -2.16 -7.63
CA TYR B 179 32.19 -3.04 -8.17
C TYR B 179 31.70 -2.60 -9.54
N ALA B 180 31.48 -1.31 -9.72
CA ALA B 180 30.92 -0.81 -10.95
C ALA B 180 31.91 -0.93 -12.13
N GLU B 181 33.18 -0.59 -11.86
CA GLU B 181 34.27 -0.67 -12.84
C GLU B 181 34.54 -2.09 -13.31
N ALA B 182 34.42 -3.07 -12.43
CA ALA B 182 34.61 -4.47 -12.84
C ALA B 182 33.51 -4.95 -13.79
N GLY B 183 32.35 -4.33 -13.74
CA GLY B 183 31.25 -4.66 -14.68
C GLY B 183 31.22 -3.81 -15.96
N GLY B 184 32.20 -2.92 -16.11
CA GLY B 184 32.40 -2.18 -17.36
C GLY B 184 31.98 -0.73 -17.36
N CYS B 185 31.91 -0.12 -16.18
CA CYS B 185 31.57 1.27 -16.07
C CYS B 185 32.84 2.05 -16.29
N ALA B 186 32.81 2.99 -17.25
CA ALA B 186 33.91 3.95 -17.50
C ALA B 186 33.99 5.02 -16.43
N ARG B 187 35.18 5.55 -16.20
CA ARG B 187 35.38 6.63 -15.22
C ARG B 187 36.27 7.70 -15.85
N ILE B 188 35.88 8.96 -15.69
CA ILE B 188 36.58 10.09 -16.26
C ILE B 188 36.82 11.08 -15.15
N ASP B 189 38.10 11.29 -14.83
CA ASP B 189 38.52 12.28 -13.84
C ASP B 189 38.70 13.60 -14.57
N ALA B 190 37.84 14.58 -14.29
CA ALA B 190 37.82 15.84 -15.05
C ALA B 190 36.77 16.79 -14.49
N ARG B 191 37.11 18.08 -14.45
CA ARG B 191 36.13 19.15 -14.21
C ARG B 191 35.29 19.41 -15.47
N ILE B 192 34.03 19.82 -15.27
CA ILE B 192 33.11 20.06 -16.38
C ILE B 192 33.08 21.57 -16.58
N ARG B 193 33.34 22.02 -17.81
CA ARG B 193 33.31 23.46 -18.14
C ARG B 193 31.88 23.94 -18.41
N SER B 194 31.14 23.13 -19.16
CA SER B 194 29.80 23.47 -19.61
C SER B 194 28.92 22.24 -19.95
N VAL B 195 27.61 22.49 -19.93
CA VAL B 195 26.60 21.55 -20.39
C VAL B 195 26.00 22.07 -21.69
N GLU B 196 25.96 21.24 -22.72
CA GLU B 196 25.48 21.58 -24.04
C GLU B 196 24.10 20.97 -24.30
N LEU B 197 23.19 21.81 -24.78
CA LEU B 197 21.79 21.41 -24.99
C LEU B 197 21.51 21.33 -26.48
N ARG B 198 20.68 20.39 -26.86
CA ARG B 198 20.45 20.08 -28.25
C ARG B 198 19.31 20.98 -28.82
N PRO B 199 19.45 21.41 -30.10
CA PRO B 199 18.70 22.58 -30.55
C PRO B 199 17.19 22.46 -30.83
N GLU B 200 16.67 21.30 -31.22
CA GLU B 200 15.21 21.15 -31.44
C GLU B 200 14.49 21.10 -30.07
N ASP B 201 14.99 20.20 -29.23
CA ASP B 201 14.38 19.72 -28.00
C ASP B 201 14.75 20.48 -26.74
N GLY B 202 15.95 21.06 -26.71
CA GLY B 202 16.57 21.50 -25.48
C GLY B 202 17.02 20.37 -24.53
N PHE B 203 17.06 19.12 -25.01
CA PHE B 203 17.53 17.98 -24.22
C PHE B 203 19.03 18.14 -24.03
N VAL B 204 19.61 17.45 -23.04
CA VAL B 204 21.06 17.52 -22.82
C VAL B 204 21.76 16.66 -23.91
N ARG B 205 22.69 17.27 -24.67
CA ARG B 205 23.46 16.58 -25.71
C ARG B 205 24.75 15.99 -25.13
N ALA B 206 25.50 16.80 -24.38
CA ALA B 206 26.83 16.38 -23.94
C ALA B 206 27.41 17.28 -22.88
N LEU B 207 28.38 16.76 -22.15
CA LEU B 207 29.19 17.59 -21.25
C LEU B 207 30.48 18.00 -21.97
N THR B 208 30.91 19.25 -21.76
CA THR B 208 32.18 19.74 -22.27
C THR B 208 33.14 19.84 -21.11
N LEU B 209 34.25 19.10 -21.20
CA LEU B 209 35.24 19.07 -20.12
C LEU B 209 36.18 20.29 -20.19
N ASP B 210 36.95 20.53 -19.12
CA ASP B 210 38.03 21.56 -19.10
C ASP B 210 39.03 21.43 -20.24
N ASP B 211 39.43 20.21 -20.58
CA ASP B 211 40.32 19.97 -21.73
C ASP B 211 39.64 20.01 -23.12
N GLY B 212 38.32 20.21 -23.17
CA GLY B 212 37.59 20.35 -24.43
C GLY B 212 36.98 19.06 -24.98
N ARG B 213 37.24 17.93 -24.34
CA ARG B 213 36.55 16.70 -24.70
C ARG B 213 35.06 16.84 -24.45
N GLU B 214 34.29 16.14 -25.26
CA GLU B 214 32.86 16.05 -25.10
C GLU B 214 32.53 14.66 -24.58
N VAL B 215 31.57 14.58 -23.64
CA VAL B 215 31.00 13.31 -23.18
C VAL B 215 29.52 13.34 -23.51
N GLU B 216 29.16 12.55 -24.50
CA GLU B 216 27.81 12.46 -25.00
C GLU B 216 27.09 11.38 -24.24
N GLY B 217 25.76 11.54 -24.15
CA GLY B 217 24.88 10.53 -23.59
C GLY B 217 23.44 10.71 -24.01
N ASP B 218 22.70 9.61 -24.06
CA ASP B 218 21.26 9.65 -24.24
C ASP B 218 20.48 10.00 -22.96
N LEU B 219 20.98 9.51 -21.81
CA LEU B 219 20.38 9.69 -20.47
C LEU B 219 21.44 10.21 -19.51
N PHE B 220 21.13 11.30 -18.82
CA PHE B 220 21.99 11.90 -17.83
C PHE B 220 21.39 11.77 -16.42
N VAL B 221 22.21 11.35 -15.44
CA VAL B 221 21.83 11.37 -14.03
C VAL B 221 22.64 12.44 -13.33
N ASP B 222 21.96 13.38 -12.69
CA ASP B 222 22.64 14.47 -11.98
C ASP B 222 22.85 14.01 -10.55
N CYS B 223 24.10 13.70 -10.22
CA CYS B 223 24.55 13.46 -8.85
C CYS B 223 25.58 14.52 -8.47
N SER B 224 25.45 15.70 -9.05
CA SER B 224 26.38 16.81 -8.76
C SER B 224 26.29 17.42 -7.36
N GLY B 225 25.25 17.12 -6.60
CA GLY B 225 25.09 17.66 -5.24
C GLY B 225 24.13 18.83 -5.19
N PHE B 226 24.20 19.59 -4.11
CA PHE B 226 23.28 20.72 -3.83
C PHE B 226 23.10 21.74 -4.98
N LYS B 227 24.16 22.06 -5.73
CA LYS B 227 24.04 23.06 -6.80
C LYS B 227 23.14 22.64 -7.98
N GLY B 228 23.17 21.36 -8.33
CA GLY B 228 22.29 20.84 -9.38
C GLY B 228 22.69 21.31 -10.75
N LEU B 229 23.82 20.82 -11.21
CA LEU B 229 24.52 21.30 -12.42
C LEU B 229 23.71 21.09 -13.68
N VAL B 230 23.02 19.97 -13.78
CA VAL B 230 22.21 19.69 -14.96
C VAL B 230 20.73 19.98 -14.72
N ILE B 231 20.15 19.42 -13.66
CA ILE B 231 18.71 19.58 -13.38
C ILE B 231 18.37 21.06 -13.12
N GLY B 232 19.28 21.77 -12.45
CA GLY B 232 19.04 23.16 -12.00
C GLY B 232 19.61 24.23 -12.90
N GLU B 233 20.94 24.24 -13.09
CA GLU B 233 21.66 25.28 -13.84
C GLU B 233 21.41 25.15 -15.34
N ALA B 234 21.63 23.97 -15.89
CA ALA B 234 21.42 23.74 -17.32
C ALA B 234 19.95 23.76 -17.75
N LEU B 235 19.10 23.02 -17.03
CA LEU B 235 17.67 22.81 -17.41
C LEU B 235 16.67 23.76 -16.70
N GLY B 236 17.14 24.56 -15.76
CA GLY B 236 16.31 25.56 -15.11
C GLY B 236 15.21 25.08 -14.18
N VAL B 237 15.26 23.84 -13.71
CA VAL B 237 14.26 23.34 -12.76
C VAL B 237 14.38 24.04 -11.39
N GLY B 238 13.24 24.49 -10.85
CA GLY B 238 13.21 25.24 -9.58
C GLY B 238 13.21 24.42 -8.30
N PHE B 239 13.17 25.12 -7.18
CA PHE B 239 13.32 24.56 -5.83
C PHE B 239 12.14 24.94 -4.91
N GLU B 240 11.45 23.94 -4.33
CA GLU B 240 10.42 24.21 -3.31
C GLU B 240 11.09 24.28 -1.96
N ASP B 241 11.19 25.48 -1.41
CA ASP B 241 11.85 25.68 -0.10
C ASP B 241 10.91 25.28 1.03
N TRP B 242 11.45 24.60 2.02
CA TRP B 242 10.67 24.09 3.17
C TRP B 242 11.16 24.62 4.54
N GLY B 243 12.03 25.67 4.54
CA GLY B 243 12.51 26.32 5.78
C GLY B 243 11.38 26.84 6.64
N ARG B 244 10.26 27.21 6.02
CA ARG B 244 9.06 27.61 6.72
C ARG B 244 8.52 26.52 7.66
N TRP B 245 8.58 25.24 7.26
CA TRP B 245 8.13 24.14 8.11
C TRP B 245 9.19 23.65 9.11
N LEU B 246 10.48 23.80 8.81
CA LEU B 246 11.56 23.24 9.62
C LEU B 246 12.48 24.36 10.08
N PRO B 247 12.64 24.54 11.40
CA PRO B 247 13.39 25.72 11.88
C PRO B 247 14.89 25.71 11.51
N CYS B 248 15.55 24.58 11.73
CA CYS B 248 17.00 24.51 11.63
C CYS B 248 17.50 24.77 10.21
N ASP B 249 18.59 25.53 10.12
CA ASP B 249 19.11 26.05 8.85
C ASP B 249 20.65 25.97 8.72
N ALA B 250 21.33 25.25 9.61
CA ALA B 250 22.79 25.11 9.55
C ALA B 250 23.23 23.86 10.30
N ALA B 251 24.48 23.44 10.06
CA ALA B 251 25.03 22.33 10.79
C ALA B 251 26.57 22.33 10.84
N TYR B 252 27.10 21.80 11.94
CA TYR B 252 28.52 21.53 12.08
C TYR B 252 28.75 20.01 12.17
N ALA B 253 29.75 19.50 11.47
CA ALA B 253 30.12 18.08 11.60
C ALA B 253 31.61 17.96 11.87
N VAL B 254 31.97 16.93 12.62
CA VAL B 254 33.35 16.67 12.95
C VAL B 254 33.51 15.18 13.27
N GLN B 255 34.53 14.55 12.66
CA GLN B 255 34.89 13.18 12.97
C GLN B 255 35.70 13.15 14.26
N SER B 256 35.45 12.14 15.07
CA SER B 256 36.15 11.92 16.31
C SER B 256 36.83 10.55 16.31
N GLU B 257 37.94 10.47 17.06
CA GLU B 257 38.72 9.24 17.23
C GLU B 257 38.30 8.64 18.56
N ASN B 258 37.98 7.34 18.58
CA ASN B 258 37.55 6.67 19.83
C ASN B 258 38.68 6.69 20.86
N ARG B 259 38.33 6.85 22.15
CA ARG B 259 39.29 6.74 23.26
C ARG B 259 39.43 5.25 23.61
N PRO B 260 40.60 4.84 24.17
CA PRO B 260 40.78 3.41 24.48
C PRO B 260 39.75 2.89 25.49
N GLY B 261 39.29 1.64 25.29
CA GLY B 261 38.17 1.06 26.03
C GLY B 261 36.80 1.74 25.86
N ASP B 262 36.49 2.17 24.62
CA ASP B 262 35.18 2.75 24.29
C ASP B 262 34.46 1.85 23.27
N ALA B 263 33.54 1.03 23.76
CA ALA B 263 32.82 0.07 22.93
C ALA B 263 31.71 0.81 22.17
N PRO B 264 31.77 0.85 20.82
CA PRO B 264 30.70 1.52 20.09
C PRO B 264 29.35 0.83 20.33
N ALA B 265 28.32 1.65 20.52
CA ALA B 265 26.96 1.18 20.79
C ALA B 265 26.26 0.83 19.46
N PRO B 266 25.32 -0.14 19.48
CA PRO B 266 24.53 -0.49 18.29
C PRO B 266 23.30 0.43 18.06
N PHE B 267 23.50 1.72 18.19
CA PHE B 267 22.48 2.71 17.88
C PHE B 267 23.09 4.08 17.65
N THR B 268 22.34 4.93 16.95
CA THR B 268 22.73 6.31 16.73
C THR B 268 22.19 7.13 17.92
N ARG B 269 22.99 8.06 18.42
CA ARG B 269 22.53 8.99 19.49
C ARG B 269 22.03 10.27 18.88
N VAL B 270 20.80 10.69 19.23
CA VAL B 270 20.30 12.01 18.84
C VAL B 270 19.87 12.80 20.07
N THR B 271 20.69 13.79 20.45
CA THR B 271 20.56 14.52 21.71
C THR B 271 20.09 15.96 21.46
N ALA B 272 18.89 16.29 21.95
CA ALA B 272 18.38 17.65 21.83
C ALA B 272 19.21 18.63 22.67
N ARG B 273 19.53 19.79 22.09
CA ARG B 273 20.24 20.87 22.78
C ARG B 273 19.38 22.13 22.76
N SER B 274 19.97 23.30 23.06
CA SER B 274 19.20 24.55 23.25
C SER B 274 18.45 25.04 22.03
N ALA B 275 18.98 24.79 20.83
CA ALA B 275 18.36 25.32 19.59
C ALA B 275 18.57 24.46 18.38
N GLY B 276 18.36 23.15 18.59
CA GLY B 276 18.62 22.11 17.59
C GLY B 276 19.04 20.83 18.27
N TRP B 277 19.86 20.03 17.59
CA TRP B 277 20.19 18.69 18.09
C TRP B 277 21.55 18.14 17.59
N GLN B 278 22.12 17.24 18.38
CA GLN B 278 23.41 16.66 18.14
C GLN B 278 23.28 15.19 17.71
N TRP B 279 24.08 14.79 16.73
CA TRP B 279 24.14 13.41 16.30
C TRP B 279 25.46 12.73 16.73
N GLY B 280 25.41 11.40 16.81
CA GLY B 280 26.53 10.60 17.24
C GLY B 280 26.48 9.24 16.58
N ILE B 281 27.29 9.06 15.54
CA ILE B 281 27.24 7.90 14.68
C ILE B 281 28.51 7.08 14.88
N PRO B 282 28.40 5.94 15.58
CA PRO B 282 29.61 5.21 15.91
C PRO B 282 30.09 4.29 14.78
N LEU B 283 31.34 4.47 14.36
CA LEU B 283 32.06 3.48 13.55
C LEU B 283 32.93 2.64 14.48
N ARG B 284 33.63 1.65 13.92
CA ARG B 284 34.44 0.71 14.74
C ARG B 284 35.53 1.35 15.60
N HIS B 285 36.30 2.29 15.04
CA HIS B 285 37.36 3.02 15.79
C HIS B 285 37.20 4.56 15.73
N ARG B 286 36.14 5.04 15.09
CA ARG B 286 35.91 6.46 14.86
C ARG B 286 34.42 6.75 14.98
N ALA B 287 34.06 8.02 15.03
CA ALA B 287 32.64 8.35 15.03
C ALA B 287 32.35 9.64 14.29
N GLY B 288 31.18 9.70 13.66
CA GLY B 288 30.60 10.92 13.15
C GLY B 288 29.93 11.68 14.28
N ASN B 289 30.16 13.00 14.34
CA ASN B 289 29.50 13.89 15.29
C ASN B 289 28.98 15.10 14.55
N GLY B 290 27.91 15.70 15.08
CA GLY B 290 27.43 16.99 14.57
C GLY B 290 26.35 17.67 15.38
N LEU B 291 26.11 18.93 15.08
CA LEU B 291 25.03 19.68 15.65
C LEU B 291 24.28 20.32 14.49
N VAL B 292 22.98 20.05 14.44
CA VAL B 292 22.03 20.76 13.55
C VAL B 292 21.33 21.84 14.39
N PHE B 293 21.19 23.07 13.88
CA PHE B 293 20.66 24.15 14.72
C PHE B 293 20.11 25.35 13.93
N SER B 294 19.41 26.24 14.65
CA SER B 294 18.88 27.53 14.09
C SER B 294 19.86 28.70 14.31
N SER B 295 20.44 29.24 13.25
CA SER B 295 21.40 30.37 13.38
C SER B 295 20.72 31.62 13.95
N ALA B 296 19.43 31.79 13.68
CA ALA B 296 18.63 32.84 14.30
C ALA B 296 18.50 32.77 15.84
N HIS B 297 18.84 31.63 16.44
CA HIS B 297 18.91 31.48 17.91
C HIS B 297 20.32 31.23 18.45
N LEU B 298 21.26 30.90 17.57
CA LEU B 298 22.62 30.60 17.98
C LEU B 298 23.66 31.23 17.05
N SER B 299 24.65 31.86 17.67
CA SER B 299 25.89 32.22 17.00
C SER B 299 26.70 30.96 16.70
N ASP B 300 27.71 31.13 15.86
CA ASP B 300 28.64 30.04 15.57
C ASP B 300 29.42 29.57 16.81
N ASP B 301 29.91 30.49 17.65
CA ASP B 301 30.62 30.11 18.88
C ASP B 301 29.72 29.42 19.90
N GLN B 302 28.45 29.86 20.00
CA GLN B 302 27.46 29.20 20.90
C GLN B 302 27.19 27.74 20.46
N ALA B 303 27.09 27.55 19.13
CA ALA B 303 26.94 26.22 18.53
C ALA B 303 28.11 25.30 18.85
N LEU B 304 29.32 25.80 18.71
CA LEU B 304 30.51 24.98 18.99
C LEU B 304 30.65 24.70 20.49
N ALA B 305 30.16 25.62 21.33
CA ALA B 305 30.11 25.42 22.78
C ALA B 305 29.18 24.27 23.22
N GLU B 306 28.13 24.03 22.45
CA GLU B 306 27.27 22.86 22.70
C GLU B 306 27.88 21.55 22.17
N LEU B 307 28.48 21.61 20.96
CA LEU B 307 28.97 20.43 20.26
C LEU B 307 30.27 19.90 20.83
N MET B 308 31.29 20.78 20.90
CA MET B 308 32.69 20.34 21.10
C MET B 308 33.03 19.74 22.48
N PRO B 309 32.32 20.13 23.55
CA PRO B 309 32.54 19.41 24.83
C PRO B 309 31.89 18.04 24.99
N HIS B 310 31.09 17.60 24.00
CA HIS B 310 30.26 16.38 24.12
C HIS B 310 30.39 15.45 22.93
N LEU B 311 31.57 15.43 22.30
CA LEU B 311 31.84 14.50 21.20
C LEU B 311 32.04 13.07 21.71
N LEU B 312 31.88 12.09 20.83
CA LEU B 312 32.14 10.69 21.17
C LEU B 312 33.64 10.34 21.16
N GLY B 313 34.52 11.34 21.24
CA GLY B 313 35.98 11.14 21.18
C GLY B 313 36.80 12.39 20.86
N ASP B 314 38.07 12.17 20.53
CA ASP B 314 39.05 13.25 20.27
C ASP B 314 38.83 13.72 18.83
N PRO B 315 38.54 15.02 18.63
CA PRO B 315 38.27 15.47 17.26
C PRO B 315 39.45 15.29 16.31
N LEU B 316 39.22 14.75 15.12
CA LEU B 316 40.27 14.56 14.09
C LEU B 316 40.61 15.83 13.32
N THR B 317 39.68 16.79 13.24
CA THR B 317 39.95 18.12 12.67
C THR B 317 39.11 19.14 13.39
N GLU B 318 39.05 20.36 12.85
CA GLU B 318 38.10 21.34 13.32
C GLU B 318 36.79 21.16 12.60
N PRO B 319 35.68 21.66 13.20
CA PRO B 319 34.37 21.52 12.59
C PRO B 319 34.22 22.34 11.29
N ARG B 320 33.57 21.75 10.28
CA ARG B 320 33.18 22.50 9.09
C ARG B 320 31.71 22.82 9.21
N ARG B 321 31.36 24.04 8.79
CA ARG B 321 29.97 24.42 8.72
C ARG B 321 29.44 23.92 7.39
N ILE B 322 28.16 23.57 7.39
CA ILE B 322 27.41 23.18 6.18
C ILE B 322 26.10 23.98 6.18
N PRO B 323 25.79 24.69 5.06
CA PRO B 323 24.42 25.21 4.92
C PRO B 323 23.38 24.10 4.64
N PHE B 324 22.24 24.27 5.31
CA PHE B 324 21.13 23.38 5.19
C PHE B 324 20.16 24.21 4.46
N ARG B 325 19.50 23.60 3.48
CA ARG B 325 18.37 24.24 2.86
C ARG B 325 17.30 23.18 2.56
N PRO B 326 16.42 22.89 3.54
CA PRO B 326 15.40 21.86 3.42
C PRO B 326 14.43 22.11 2.29
N GLY B 327 14.13 21.08 1.53
CA GLY B 327 13.21 21.24 0.41
C GLY B 327 13.49 20.26 -0.68
N ARG B 328 12.75 20.39 -1.78
CA ARG B 328 12.90 19.49 -2.90
C ARG B 328 12.90 20.24 -4.22
N ARG B 329 13.70 19.72 -5.15
CA ARG B 329 13.68 20.08 -6.56
C ARG B 329 12.24 19.96 -7.09
N SER B 330 11.76 20.92 -7.86
CA SER B 330 10.33 20.96 -8.23
C SER B 330 9.87 19.76 -9.06
N GLN B 331 10.74 19.30 -9.96
CA GLN B 331 10.55 18.03 -10.63
C GLN B 331 11.93 17.36 -10.61
N ALA B 332 12.00 16.11 -10.18
CA ALA B 332 13.29 15.46 -10.05
C ALA B 332 13.81 14.96 -11.39
N TRP B 333 12.91 14.77 -12.34
CA TRP B 333 13.20 14.37 -13.72
C TRP B 333 12.64 15.42 -14.71
N ALA B 334 13.55 16.00 -15.50
CA ALA B 334 13.17 16.90 -16.59
C ALA B 334 13.91 16.50 -17.86
N LYS B 335 13.21 16.50 -18.98
CA LYS B 335 13.77 16.11 -20.27
C LYS B 335 14.46 14.74 -20.20
N ASN B 336 15.78 14.69 -20.33
CA ASN B 336 16.54 13.43 -20.22
C ASN B 336 17.56 13.48 -19.09
N CYS B 337 17.22 14.23 -18.04
CA CYS B 337 18.00 14.29 -16.83
C CYS B 337 17.16 13.84 -15.65
N VAL B 338 17.66 12.85 -14.90
CA VAL B 338 17.06 12.40 -13.63
C VAL B 338 18.00 12.83 -12.55
N ALA B 339 17.47 13.47 -11.49
CA ALA B 339 18.30 13.90 -10.38
C ALA B 339 18.25 12.89 -9.23
N ILE B 340 19.43 12.45 -8.78
CA ILE B 340 19.56 11.48 -7.66
C ILE B 340 20.43 12.05 -6.52
N GLY B 341 19.97 11.92 -5.26
CA GLY B 341 20.68 12.49 -4.11
C GLY B 341 20.39 13.97 -3.90
N LEU B 342 21.36 14.72 -3.36
CA LEU B 342 21.22 16.16 -2.99
C LEU B 342 20.74 17.11 -4.09
N SER B 343 21.06 16.79 -5.34
CA SER B 343 20.55 17.54 -6.48
C SER B 343 19.03 17.51 -6.58
N SER B 344 18.39 16.50 -6.01
CA SER B 344 16.90 16.37 -6.02
C SER B 344 16.23 16.92 -4.74
N GLY B 345 17.02 17.26 -3.72
CA GLY B 345 16.46 17.88 -2.49
C GLY B 345 17.23 17.53 -1.24
N PHE B 346 16.74 18.03 -0.11
CA PHE B 346 17.46 17.86 1.15
C PHE B 346 16.56 17.87 2.36
N LEU B 347 16.75 16.87 3.22
CA LEU B 347 16.13 16.85 4.53
C LEU B 347 17.25 16.48 5.49
N GLU B 348 17.29 17.15 6.64
CA GLU B 348 18.26 16.91 7.70
C GLU B 348 18.24 15.45 8.16
N PRO B 349 19.39 14.91 8.65
CA PRO B 349 19.54 13.45 8.93
C PRO B 349 19.01 12.98 10.28
N LEU B 350 17.84 13.51 10.66
CA LEU B 350 17.27 13.23 11.97
C LEU B 350 16.85 11.78 12.05
N GLU B 351 16.36 11.27 10.92
CA GLU B 351 15.92 9.90 10.82
C GLU B 351 16.68 9.14 9.71
N SER B 352 17.95 9.52 9.48
CA SER B 352 18.88 8.72 8.67
C SER B 352 18.34 8.42 7.27
N THR B 353 17.91 9.43 6.52
CA THR B 353 17.16 9.18 5.29
C THR B 353 17.86 9.53 3.98
N SER B 354 19.05 10.09 4.04
CA SER B 354 19.79 10.55 2.84
C SER B 354 20.09 9.42 1.86
N ILE B 355 20.78 8.41 2.37
CA ILE B 355 21.11 7.28 1.56
C ILE B 355 19.80 6.59 1.11
N ALA B 356 18.84 6.48 2.03
CA ALA B 356 17.56 5.87 1.71
C ALA B 356 16.85 6.51 0.50
N LEU B 357 16.95 7.83 0.38
CA LEU B 357 16.34 8.58 -0.73
C LEU B 357 17.04 8.37 -2.08
N ILE B 358 18.35 8.08 -2.02
CA ILE B 358 19.12 7.61 -3.18
C ILE B 358 18.64 6.24 -3.61
N GLU B 359 18.50 5.33 -2.65
CA GLU B 359 18.01 3.98 -2.94
C GLU B 359 16.61 3.96 -3.62
N THR B 360 15.68 4.75 -3.09
CA THR B 360 14.33 4.80 -3.61
C THR B 360 14.36 5.42 -5.00
N GLY B 361 15.23 6.41 -5.19
CA GLY B 361 15.38 7.06 -6.52
C GLY B 361 15.85 6.08 -7.57
N ILE B 362 16.83 5.27 -7.20
CA ILE B 362 17.38 4.24 -8.08
C ILE B 362 16.37 3.15 -8.41
N GLU B 363 15.65 2.65 -7.40
CA GLU B 363 14.63 1.62 -7.65
C GLU B 363 13.60 2.15 -8.64
N ARG B 364 13.19 3.40 -8.42
CA ARG B 364 12.19 4.06 -9.26
C ARG B 364 12.69 4.26 -10.72
N LEU B 365 13.95 4.63 -10.89
CA LEU B 365 14.55 4.79 -12.21
C LEU B 365 14.54 3.49 -12.99
N LYS B 366 14.94 2.40 -12.33
CA LYS B 366 14.83 1.06 -12.92
C LYS B 366 13.38 0.65 -13.26
N ALA B 367 12.45 0.84 -12.33
CA ALA B 367 11.03 0.47 -12.59
C ALA B 367 10.38 1.28 -13.75
N LEU B 368 10.85 2.51 -13.94
CA LEU B 368 10.34 3.41 -14.98
C LEU B 368 11.41 3.74 -16.01
N PHE B 369 12.44 2.90 -16.17
CA PHE B 369 13.54 3.20 -17.14
C PHE B 369 13.00 3.54 -18.52
N PRO B 370 13.46 4.65 -19.08
CA PRO B 370 12.85 5.13 -20.31
C PRO B 370 13.55 4.60 -21.57
N ASP B 371 12.94 4.91 -22.73
CA ASP B 371 13.63 4.93 -24.00
C ASP B 371 13.83 6.40 -24.48
N ARG B 372 14.38 6.55 -25.69
CA ARG B 372 14.84 7.83 -26.19
C ARG B 372 13.74 8.80 -26.58
N ARG B 373 12.51 8.31 -26.64
CA ARG B 373 11.32 9.16 -26.79
C ARG B 373 10.92 9.89 -25.50
N PHE B 374 11.39 9.40 -24.35
CA PHE B 374 11.12 10.04 -23.05
C PHE B 374 9.64 10.43 -22.88
N ALA B 375 8.79 9.41 -23.02
CA ALA B 375 7.35 9.55 -22.93
C ALA B 375 6.93 10.29 -21.65
N GLN B 376 6.10 11.31 -21.83
CA GLN B 376 5.72 12.23 -20.76
C GLN B 376 5.09 11.55 -19.56
N PRO B 377 4.25 10.50 -19.78
CA PRO B 377 3.65 9.80 -18.59
C PRO B 377 4.68 9.15 -17.62
N ILE B 378 5.80 8.71 -18.16
CA ILE B 378 6.88 8.16 -17.36
C ILE B 378 7.48 9.23 -16.47
N LEU B 379 7.81 10.37 -17.06
CA LEU B 379 8.32 11.48 -16.25
C LEU B 379 7.30 11.86 -15.16
N ASP B 380 6.02 11.99 -15.56
CA ASP B 380 4.98 12.46 -14.64
C ASP B 380 4.84 11.54 -13.43
N GLU B 381 4.76 10.23 -13.67
CA GLU B 381 4.71 9.26 -12.57
C GLU B 381 5.95 9.32 -11.67
N PHE B 382 7.15 9.32 -12.25
CA PHE B 382 8.40 9.44 -11.49
C PHE B 382 8.38 10.71 -10.64
N ASN B 383 7.99 11.82 -11.25
CA ASN B 383 7.98 13.11 -10.56
C ASN B 383 6.97 13.13 -9.44
N ASP B 384 5.82 12.51 -9.69
CA ASP B 384 4.76 12.43 -8.69
C ASP B 384 5.14 11.55 -7.48
N GLN B 385 5.65 10.36 -7.74
CA GLN B 385 6.08 9.47 -6.65
C GLN B 385 7.14 10.19 -5.79
N THR B 386 8.18 10.72 -6.44
CA THR B 386 9.32 11.37 -5.75
C THR B 386 8.87 12.53 -4.83
N ALA B 387 8.00 13.38 -5.36
CA ALA B 387 7.43 14.52 -4.61
C ALA B 387 6.67 14.03 -3.37
N ARG B 388 5.75 13.08 -3.54
CA ARG B 388 4.95 12.61 -2.42
C ARG B 388 5.85 11.98 -1.37
N GLU B 389 6.84 11.20 -1.81
CA GLU B 389 7.75 10.51 -0.86
C GLU B 389 8.56 11.52 -0.01
N MET B 390 9.05 12.57 -0.65
CA MET B 390 9.76 13.63 0.07
C MET B 390 8.86 14.28 1.11
N GLU B 391 7.61 14.54 0.74
CA GLU B 391 6.65 15.16 1.65
C GLU B 391 6.36 14.23 2.85
N ARG B 392 6.23 12.92 2.57
CA ARG B 392 5.99 11.95 3.63
C ARG B 392 7.17 11.85 4.62
N VAL B 393 8.40 12.04 4.15
CA VAL B 393 9.58 12.07 5.06
C VAL B 393 9.66 13.39 5.83
N ARG B 394 9.44 14.49 5.13
CA ARG B 394 9.30 15.80 5.79
C ARG B 394 8.35 15.79 7.01
N ASP B 395 7.12 15.32 6.79
CA ASP B 395 6.11 15.23 7.84
C ASP B 395 6.55 14.38 9.03
N PHE B 396 7.17 13.23 8.78
CA PHE B 396 7.72 12.46 9.90
C PHE B 396 8.75 13.27 10.68
N ILE B 397 9.65 13.96 9.96
CA ILE B 397 10.68 14.81 10.63
C ILE B 397 10.03 15.94 11.45
N ILE B 398 9.10 16.66 10.84
CA ILE B 398 8.35 17.72 11.52
C ILE B 398 7.75 17.27 12.88
N LEU B 399 7.10 16.11 12.88
CA LEU B 399 6.46 15.56 14.08
C LEU B 399 7.36 15.58 15.30
N HIS B 400 8.64 15.26 15.11
CA HIS B 400 9.61 15.17 16.21
C HIS B 400 9.72 16.54 16.95
N TYR B 401 9.74 17.62 16.17
CA TYR B 401 9.81 18.96 16.73
C TYR B 401 8.46 19.38 17.33
N LYS B 402 7.38 19.12 16.58
CA LYS B 402 6.02 19.48 16.96
C LYS B 402 5.59 18.96 18.34
N LEU B 403 6.06 17.78 18.74
CA LEU B 403 5.65 17.11 19.98
C LEU B 403 6.65 17.23 21.16
N ASN B 404 7.70 18.03 20.98
CA ASN B 404 8.69 18.17 22.03
C ASN B 404 8.03 18.74 23.31
N ARG B 405 8.58 18.41 24.47
CA ARG B 405 8.10 18.91 25.76
C ARG B 405 9.18 19.74 26.55
N ARG B 406 10.08 20.38 25.83
CA ARG B 406 11.15 21.14 26.44
C ARG B 406 10.62 22.53 26.77
N THR B 407 10.87 23.01 27.99
CA THR B 407 10.41 24.34 28.43
C THR B 407 11.53 25.40 28.39
N ASP B 408 12.80 24.97 28.29
CA ASP B 408 13.98 25.82 28.52
C ASP B 408 14.33 26.96 27.50
N THR B 409 13.84 26.94 26.25
CA THR B 409 14.12 28.05 25.30
C THR B 409 12.96 28.37 24.37
N ASP B 410 13.05 29.51 23.68
CA ASP B 410 12.03 29.95 22.74
C ASP B 410 11.94 29.08 21.50
N PHE B 411 13.10 28.57 21.07
CA PHE B 411 13.18 27.63 19.95
C PHE B 411 12.14 26.51 20.09
N TRP B 412 12.13 25.89 21.27
CA TRP B 412 11.30 24.73 21.56
C TRP B 412 9.80 25.04 21.77
N ARG B 413 9.45 26.15 22.43
CA ARG B 413 8.03 26.60 22.48
C ARG B 413 7.48 26.81 21.08
N ASP B 414 8.25 27.49 20.25
CA ASP B 414 7.83 27.80 18.89
C ASP B 414 7.60 26.55 18.09
N CYS B 415 8.49 25.57 18.21
CA CYS B 415 8.33 24.27 17.51
C CYS B 415 6.99 23.63 17.88
N ARG B 416 6.68 23.62 19.19
CA ARG B 416 5.40 23.14 19.73
C ARG B 416 4.13 23.90 19.27
N GLU B 417 4.26 25.19 18.99
CA GLU B 417 3.13 25.98 18.52
C GLU B 417 3.16 26.30 17.04
N MET B 418 4.23 25.93 16.33
CA MET B 418 4.37 26.21 14.86
C MET B 418 3.26 25.52 14.06
N PRO B 419 2.78 26.16 13.00
CA PRO B 419 1.90 25.42 12.09
C PRO B 419 2.63 24.29 11.33
N VAL B 420 1.88 23.27 10.92
CA VAL B 420 2.43 22.09 10.28
C VAL B 420 1.51 21.73 9.12
N PRO B 421 2.05 21.04 8.12
CA PRO B 421 1.20 20.70 7.01
C PRO B 421 -0.09 20.00 7.44
N GLU B 422 -1.17 20.24 6.68
CA GLU B 422 -2.47 19.57 6.85
C GLU B 422 -2.38 18.04 6.84
N THR B 423 -1.53 17.48 6.01
CA THR B 423 -1.30 16.01 6.00
C THR B 423 -0.90 15.45 7.39
N LEU B 424 -0.06 16.19 8.11
CA LEU B 424 0.36 15.87 9.46
C LEU B 424 -0.69 16.20 10.53
N GLU B 425 -1.45 17.28 10.32
CA GLU B 425 -2.58 17.62 11.22
C GLU B 425 -3.56 16.46 11.27
N ARG B 426 -3.88 15.91 10.11
CA ARG B 426 -4.82 14.79 10.01
C ARG B 426 -4.33 13.53 10.71
N LYS B 427 -3.03 13.24 10.56
CA LYS B 427 -2.42 12.10 11.25
C LYS B 427 -2.51 12.24 12.76
N ILE B 428 -2.07 13.41 13.26
CA ILE B 428 -2.08 13.68 14.71
C ILE B 428 -3.50 13.63 15.23
N ALA B 429 -4.46 14.14 14.45
CA ALA B 429 -5.89 14.16 14.88
C ALA B 429 -6.53 12.76 14.95
N LEU B 430 -6.26 11.90 13.99
CA LEU B 430 -6.82 10.52 14.05
C LEU B 430 -6.10 9.70 15.11
N TRP B 431 -4.83 9.97 15.37
CA TRP B 431 -4.09 9.23 16.40
C TRP B 431 -4.69 9.54 17.78
N THR B 432 -4.85 10.83 18.10
CA THR B 432 -5.42 11.23 19.42
C THR B 432 -6.90 10.86 19.58
N ALA B 433 -7.65 10.88 18.49
CA ALA B 433 -9.07 10.52 18.51
C ALA B 433 -9.31 9.04 18.65
N ARG B 434 -8.46 8.21 18.05
CA ARG B 434 -8.81 6.80 17.92
C ARG B 434 -7.68 5.78 18.00
N GLY B 435 -6.42 6.22 18.04
CA GLY B 435 -5.25 5.32 18.00
C GLY B 435 -5.04 4.56 16.70
N GLN B 436 -5.38 5.20 15.58
CA GLN B 436 -5.20 4.64 14.24
C GLN B 436 -4.36 5.56 13.35
N PHE B 437 -3.90 4.98 12.25
CA PHE B 437 -2.85 5.57 11.42
C PHE B 437 -3.44 5.97 10.08
N VAL B 438 -3.28 7.23 9.71
CA VAL B 438 -3.63 7.68 8.37
C VAL B 438 -2.49 7.20 7.47
N ARG B 439 -2.86 6.57 6.37
CA ARG B 439 -1.87 6.00 5.47
C ARG B 439 -1.98 6.69 4.11
N TYR B 440 -0.91 7.36 3.74
CA TYR B 440 -0.78 7.93 2.41
C TYR B 440 0.10 7.01 1.57
N ARG B 441 0.20 7.31 0.28
CA ARG B 441 1.09 6.54 -0.61
C ARG B 441 2.52 7.02 -0.36
N TRP B 442 3.46 6.10 -0.53
CA TRP B 442 4.91 6.41 -0.60
C TRP B 442 5.57 6.76 0.75
N GLU B 443 5.01 6.24 1.83
CA GLU B 443 5.57 6.39 3.17
C GLU B 443 6.86 5.56 3.28
N MET B 444 7.96 6.20 3.67
CA MET B 444 9.18 5.50 3.98
C MET B 444 9.04 4.81 5.35
N PHE B 445 8.26 5.46 6.24
CA PHE B 445 8.09 5.07 7.62
C PHE B 445 6.71 4.49 7.85
N HIS B 446 6.67 3.27 8.35
CA HIS B 446 5.43 2.52 8.48
C HIS B 446 4.80 2.77 9.86
N PRO B 447 3.57 2.31 10.10
CA PRO B 447 2.90 2.63 11.38
C PRO B 447 3.70 2.45 12.70
N ALA B 448 4.51 1.39 12.80
CA ALA B 448 5.28 1.17 14.05
C ALA B 448 6.30 2.30 14.33
N SER B 449 6.79 2.94 13.28
CA SER B 449 7.70 4.06 13.47
C SER B 449 6.99 5.29 13.99
N TRP B 450 5.76 5.49 13.54
CA TRP B 450 4.92 6.62 14.01
C TRP B 450 4.57 6.42 15.50
N LEU B 451 4.16 5.19 15.82
CA LEU B 451 3.94 4.73 17.20
C LEU B 451 5.12 5.03 18.11
N ALA B 452 6.34 4.74 17.65
CA ALA B 452 7.55 4.99 18.46
C ALA B 452 7.71 6.47 18.81
N ILE B 453 7.35 7.34 17.87
CA ILE B 453 7.46 8.76 18.10
C ILE B 453 6.30 9.25 19.01
N TYR B 454 5.07 8.79 18.73
CA TYR B 454 3.95 9.18 19.59
C TYR B 454 4.26 8.80 21.04
N ASP B 455 4.68 7.56 21.25
CA ASP B 455 5.00 7.08 22.58
C ASP B 455 6.21 7.76 23.19
N GLY B 456 7.25 7.97 22.40
CA GLY B 456 8.46 8.69 22.89
C GLY B 456 8.19 10.10 23.41
N PHE B 457 7.28 10.82 22.75
CA PHE B 457 6.86 12.14 23.24
C PHE B 457 5.64 12.16 24.14
N GLY B 458 5.17 11.00 24.59
CA GLY B 458 4.05 10.90 25.52
C GLY B 458 2.68 11.35 25.02
N LEU B 459 2.41 11.25 23.71
CA LEU B 459 1.08 11.58 23.17
C LEU B 459 0.27 10.31 22.89
N TYR B 460 -0.81 10.09 23.65
CA TYR B 460 -1.62 8.88 23.60
C TYR B 460 -3.07 9.20 23.36
N PRO B 461 -3.84 8.29 22.74
CA PRO B 461 -5.25 8.53 22.49
C PRO B 461 -6.11 8.51 23.73
N ASP B 462 -7.27 9.16 23.65
CA ASP B 462 -8.23 9.27 24.78
C ASP B 462 -8.87 7.90 24.96
N HIS B 463 -9.44 7.37 23.87
CA HIS B 463 -9.92 5.98 23.86
C HIS B 463 -9.26 5.08 22.82
N HIS B 464 -8.81 3.93 23.34
CA HIS B 464 -8.41 2.74 22.56
C HIS B 464 -9.64 2.02 21.92
N ASP B 465 -9.39 0.96 21.17
CA ASP B 465 -10.41 0.16 20.45
C ASP B 465 -11.29 -0.62 21.46
N PRO B 466 -12.63 -0.43 21.48
CA PRO B 466 -13.47 -1.03 22.55
C PRO B 466 -13.70 -2.55 22.51
N ALA B 467 -13.23 -3.24 21.47
CA ALA B 467 -13.26 -4.71 21.47
C ALA B 467 -12.25 -5.30 22.47
N VAL B 468 -11.27 -4.46 22.81
CA VAL B 468 -10.20 -4.77 23.74
C VAL B 468 -10.67 -4.82 25.18
N ASP B 469 -11.64 -3.98 25.56
CA ASP B 469 -12.23 -4.00 26.94
C ASP B 469 -13.07 -5.24 27.26
N ALA B 470 -13.38 -6.07 26.25
CA ALA B 470 -13.90 -7.44 26.45
C ALA B 470 -12.95 -8.39 27.24
N MET B 471 -11.65 -8.11 27.25
CA MET B 471 -10.63 -8.94 27.90
C MET B 471 -10.53 -8.65 29.41
N ASP B 472 -10.24 -9.69 30.19
CA ASP B 472 -10.17 -9.59 31.65
C ASP B 472 -8.84 -8.92 32.09
N PRO B 473 -8.88 -7.88 32.97
CA PRO B 473 -7.64 -7.17 33.37
C PRO B 473 -6.56 -8.02 34.04
N ALA B 474 -6.97 -9.05 34.77
CA ALA B 474 -6.02 -10.03 35.33
C ALA B 474 -5.42 -10.90 34.24
N TYR B 475 -6.24 -11.38 33.30
CA TYR B 475 -5.71 -12.20 32.18
C TYR B 475 -4.75 -11.43 31.27
N LEU B 476 -5.13 -10.19 30.94
CA LEU B 476 -4.32 -9.31 30.11
C LEU B 476 -2.97 -9.06 30.78
N ALA B 477 -3.01 -8.67 32.06
CA ALA B 477 -1.81 -8.32 32.84
C ALA B 477 -0.72 -9.38 32.81
N ARG B 478 -1.13 -10.65 32.77
CA ARG B 478 -0.21 -11.80 32.77
C ARG B 478 0.27 -12.18 31.38
N SER B 479 -0.56 -12.04 30.36
CA SER B 479 -0.10 -12.18 28.95
C SER B 479 1.01 -11.16 28.62
N LEU B 480 0.81 -9.93 29.08
CA LEU B 480 1.80 -8.88 28.87
C LEU B 480 3.10 -9.10 29.68
N ALA B 481 3.01 -9.61 30.90
CA ALA B 481 4.20 -9.89 31.71
C ALA B 481 5.03 -11.04 31.12
N GLU B 482 4.36 -12.03 30.55
CA GLU B 482 5.03 -13.11 29.79
C GLU B 482 5.81 -12.62 28.55
N MET B 483 5.21 -11.73 27.76
CA MET B 483 5.86 -11.10 26.60
C MET B 483 7.08 -10.32 27.08
N ARG B 484 6.87 -9.46 28.06
CA ARG B 484 7.86 -8.57 28.64
C ARG B 484 9.08 -9.35 29.12
N ALA B 485 8.83 -10.51 29.72
CA ALA B 485 9.87 -11.42 30.18
C ALA B 485 10.56 -12.18 29.03
N ASN B 486 9.82 -12.70 28.05
CA ASN B 486 10.44 -13.41 26.90
C ASN B 486 11.52 -12.54 26.24
N ILE B 487 11.18 -11.28 26.00
CA ILE B 487 12.13 -10.32 25.45
C ILE B 487 13.32 -10.06 26.37
N ALA B 488 13.05 -9.81 27.66
CA ALA B 488 14.12 -9.40 28.61
C ALA B 488 15.15 -10.54 28.74
N ASP B 489 14.66 -11.79 28.82
CA ASP B 489 15.47 -13.00 28.90
C ASP B 489 16.23 -13.38 27.62
N LEU B 490 15.60 -13.16 26.46
CA LEU B 490 16.25 -13.30 25.16
C LEU B 490 17.40 -12.27 25.05
N VAL B 491 17.12 -11.01 25.39
CA VAL B 491 18.17 -9.98 25.44
C VAL B 491 19.30 -10.39 26.34
N ALA B 492 18.98 -10.88 27.53
CA ALA B 492 19.96 -11.18 28.58
C ALA B 492 20.99 -12.20 28.13
N ARG B 493 20.51 -13.20 27.39
CA ARG B 493 21.39 -14.23 26.90
C ARG B 493 22.03 -14.01 25.53
N THR B 494 21.88 -12.81 24.96
CA THR B 494 22.41 -12.50 23.64
C THR B 494 23.78 -11.86 23.82
N PRO B 495 24.74 -12.17 22.92
CA PRO B 495 26.07 -11.52 23.10
C PRO B 495 26.06 -10.01 22.92
N GLU B 496 27.14 -9.37 23.34
CA GLU B 496 27.28 -7.94 23.20
C GLU B 496 27.55 -7.60 21.74
N HIS B 497 27.31 -6.33 21.43
CA HIS B 497 27.66 -5.75 20.14
C HIS B 497 29.13 -6.07 19.79
N ALA B 498 30.03 -5.90 20.77
CA ALA B 498 31.47 -6.07 20.53
C ALA B 498 31.84 -7.42 19.96
N GLN B 499 31.13 -8.49 20.33
CA GLN B 499 31.45 -9.85 19.82
C GLN B 499 31.25 -10.02 18.31
N PHE B 500 30.19 -9.40 17.78
CA PHE B 500 29.89 -9.42 16.35
C PHE B 500 30.92 -8.62 15.58
N LEU B 501 31.37 -7.51 16.16
CA LEU B 501 32.40 -6.66 15.56
C LEU B 501 33.78 -7.31 15.58
N ALA B 502 34.10 -8.05 16.65
CA ALA B 502 35.36 -8.84 16.74
C ALA B 502 35.43 -9.94 15.67
N GLY B 503 34.28 -10.48 15.27
CA GLY B 503 34.17 -11.43 14.14
C GLY B 503 34.24 -10.84 12.74
N LEU B 504 34.32 -9.51 12.63
CA LEU B 504 34.75 -8.82 11.42
C LEU B 504 36.25 -8.40 11.44
N ASP B 505 36.88 -8.35 12.61
CA ASP B 505 38.14 -7.60 12.84
C ASP B 505 39.31 -8.50 13.20
N PRO B 506 40.49 -7.86 13.51
CA PRO B 506 41.51 -8.36 14.44
C PRO B 506 40.92 -8.71 15.81
O1 TLA C . -29.84 -8.49 0.36
O11 TLA C . -29.17 -7.63 -1.59
C1 TLA C . -29.25 -7.60 -0.32
C2 TLA C . -28.54 -6.45 0.39
O2 TLA C . -28.73 -6.45 1.82
C3 TLA C . -29.09 -5.16 -0.17
O3 TLA C . -30.51 -5.24 -0.10
C4 TLA C . -28.46 -3.97 0.55
O4 TLA C . -29.13 -3.23 1.30
O41 TLA C . -27.23 -3.79 0.35
O1 MES D . -23.08 -9.05 20.44
C2 MES D . -24.29 -9.66 20.88
C3 MES D . -24.53 -9.52 22.38
N4 MES D . -23.31 -9.80 23.16
C5 MES D . -22.17 -8.95 22.71
C6 MES D . -21.91 -9.15 21.22
C7 MES D . -23.40 -9.68 24.64
C8 MES D . -24.75 -9.89 25.34
S MES D . -25.40 -8.48 26.00
O1S MES D . -24.36 -7.40 26.12
O2S MES D . -25.86 -8.80 27.36
O3S MES D . -26.54 -8.06 25.13
C1 GOL E . -5.57 9.09 -3.46
O1 GOL E . -4.99 7.81 -3.22
C2 GOL E . -5.39 9.49 -4.94
O2 GOL E . -6.68 9.88 -5.42
C3 GOL E . -4.35 10.62 -5.14
O3 GOL E . -4.53 11.36 -6.37
O1 TLA F . 28.28 11.69 -1.23
O11 TLA F . 26.92 11.71 -3.09
C1 TLA F . 27.40 12.16 -1.99
C2 TLA F . 26.86 13.35 -1.38
O2 TLA F . 26.01 12.76 -0.39
C3 TLA F . 26.28 14.32 -2.42
O3 TLA F . 27.40 14.57 -3.26
C4 TLA F . 25.07 13.93 -3.27
O4 TLA F . 24.07 13.36 -2.79
O41 TLA F . 25.03 14.24 -4.48
O1 MES G . 27.25 -1.96 -17.41
C2 MES G . 28.41 -1.35 -17.96
C3 MES G . 28.82 -1.87 -19.32
N4 MES G . 28.00 -3.01 -19.75
C5 MES G . 26.54 -2.93 -19.39
C6 MES G . 26.18 -1.95 -18.29
C7 MES G . 28.07 -3.35 -21.22
C8 MES G . 29.43 -3.27 -21.95
S MES G . 29.37 -2.02 -23.06
O1S MES G . 28.22 -2.30 -23.98
O2S MES G . 29.13 -0.79 -22.31
O3S MES G . 30.66 -1.87 -23.77
C1 GOL H . -1.85 10.70 -0.54
O1 GOL H . -1.30 9.42 -0.84
C2 GOL H . -1.80 11.52 -1.82
O2 GOL H . -0.61 11.17 -2.56
C3 GOL H . -1.85 13.00 -1.48
O3 GOL H . -2.93 13.21 -0.56
#